data_3U7Y
#
_entry.id   3U7Y
#
_cell.length_a   69.130
_cell.length_b   70.500
_cell.length_c   217.740
_cell.angle_alpha   90.00
_cell.angle_beta   90.00
_cell.angle_gamma   90.00
#
_symmetry.space_group_name_H-M   'P 21 21 21'
#
loop_
_entity.id
_entity.type
_entity.pdbx_description
1 polymer 'NIH45-46 heavy chain, Ig gamma-1 chain C region'
2 polymer 'Envelope glycoprotein gp160'
3 polymer 'NIH45-46 light chain, Ig kappa chain C region'
4 branched alpha-D-mannopyranose-(1-3)-beta-D-mannopyranose-(1-4)-2-acetamido-2-deoxy-beta-D-glucopyranose-(1-4)-2-acetamido-2-deoxy-beta-D-glucopyranose
5 non-polymer 'CITRATE ANION'
6 non-polymer 2-acetamido-2-deoxy-beta-D-glucopyranose
7 non-polymer 'CHLORIDE ION'
8 water water
#
loop_
_entity_poly.entity_id
_entity_poly.type
_entity_poly.pdbx_seq_one_letter_code
_entity_poly.pdbx_strand_id
1 'polypeptide(L)'
;(PCA)VRLSQSGGQMKKPGESMRLSCRASGYEFLNCPINWIRLAPGRRPEWMGWLKPRGGAVNYARKFQGRVTMTRDVYS
DTAFLELRSLTSDDTAVYFCTRGKYCTARDYYNWDFEHWGRGAPVTVSSASTKGPSVFPLAPSSKSTSGGTAALGCLVKD
YFPEPVTVSWNSGALTSGVHTFPAVLQSSGLYSLSSVVTVPSSSLGTQTYICNVNHKPSNTKVDKRVEPKSCD
;
H
2 'polypeptide(L)'
;VWKDADTTLFCASDAKAHETECHNVWATHACVPTDPNPQEIHLENVTENFNMWKNNMVEQMQEDVISLWDQCLQPCVKLT
GGSVIKQACPKISFDPIPIHYCTPAGYVILKCNDKNFNGTGPCKNVSSVQCTHGIKPVVSTQLLLNGSLAEEEIIIRSEN
LTNNAKTIIVHLNKSVEINCTRPSNGGSGSGGDIRKAYCEINGTKWNKVLKQVTEKLKEHFNNKTIIFQPPSGGDLEITM
HHFNCRGEFFYCNTTQLFNNTCIGNETMKGCNGTITLPCKIKQIINMWQGTGQAMYAPPIDGKINCVSNITGILLTRDGG
ANNTSNETFRPGGGNIKDNWRSELYKYKVVQIEGSHHHHHH
;
G
3 'polypeptide(L)'
;EIVLTQSPATLSLSPGETAIISCRTSQSGSLAWYQQRPGQAPRLVIYSGSTRAAGIPDRFSGSRWGADYNLSISNLESGD
FGVYYCQQYEFFGQGTKVQVDIKRTVAAPSVFIFPPSDEQLKSGTASVVCLLNNFYPREAKVQWKVDNALQSGNSQESVT
EQDSKDSTYSLSSTLTLSKADYEKHKVYACEVTHQGLSSPVTKSFNRGEC
;
L
#
loop_
_chem_comp.id
_chem_comp.type
_chem_comp.name
_chem_comp.formula
BMA D-saccharide, beta linking beta-D-mannopyranose 'C6 H12 O6'
CL non-polymer 'CHLORIDE ION' 'Cl -1'
FLC non-polymer 'CITRATE ANION' 'C6 H5 O7 -3'
MAN D-saccharide, alpha linking alpha-D-mannopyranose 'C6 H12 O6'
NAG D-saccharide, beta linking 2-acetamido-2-deoxy-beta-D-glucopyranose 'C8 H15 N O6'
#
# COMPACT_ATOMS: atom_id res chain seq x y z
N PCA A 1 -7.67 18.29 -9.55
CA PCA A 1 -8.00 16.88 -9.49
CB PCA A 1 -8.35 16.34 -10.88
CG PCA A 1 -7.82 17.35 -11.87
CD PCA A 1 -7.55 18.54 -10.99
OE PCA A 1 -7.28 19.64 -11.47
C PCA A 1 -6.83 16.07 -8.96
O PCA A 1 -5.67 16.34 -9.29
N VAL A 2 -7.14 15.07 -8.13
CA VAL A 2 -6.11 14.22 -7.55
C VAL A 2 -5.33 13.46 -8.61
N ARG A 3 -4.01 13.64 -8.63
CA ARG A 3 -3.16 12.98 -9.63
C ARG A 3 -1.85 12.47 -9.02
N LEU A 4 -1.59 11.18 -9.20
CA LEU A 4 -0.34 10.59 -8.75
C LEU A 4 0.58 10.34 -9.95
N SER A 5 1.70 11.07 -9.99
CA SER A 5 2.59 11.02 -11.15
C SER A 5 3.87 10.22 -10.88
N GLN A 6 4.00 9.07 -11.53
CA GLN A 6 5.12 8.16 -11.26
C GLN A 6 6.29 8.26 -12.25
N SER A 7 7.49 8.00 -11.75
CA SER A 7 8.64 7.86 -12.62
C SER A 7 8.55 6.53 -13.37
N GLY A 8 9.15 6.46 -14.54
CA GLY A 8 9.01 5.31 -15.42
C GLY A 8 9.47 3.98 -14.85
N GLY A 9 9.32 2.92 -15.64
CA GLY A 9 9.76 1.60 -15.24
C GLY A 9 11.26 1.41 -15.49
N GLN A 10 11.80 0.28 -15.03
CA GLN A 10 13.22 0.02 -15.20
C GLN A 10 13.62 -1.45 -15.10
N MET A 11 14.80 -1.75 -15.63
CA MET A 11 15.35 -3.10 -15.60
C MET A 11 16.55 -3.15 -14.66
N LYS A 12 16.47 -3.97 -13.62
CA LYS A 12 17.58 -4.12 -12.70
C LYS A 12 18.22 -5.51 -12.80
N LYS A 13 19.42 -5.64 -12.25
CA LYS A 13 20.06 -6.94 -12.11
C LYS A 13 19.88 -7.37 -10.66
N PRO A 14 19.96 -8.68 -10.40
CA PRO A 14 19.81 -9.13 -9.01
C PRO A 14 20.93 -8.56 -8.14
N GLY A 15 20.61 -8.18 -6.91
CA GLY A 15 21.62 -7.63 -6.02
C GLY A 15 21.59 -6.12 -5.95
N GLU A 16 21.12 -5.49 -7.02
CA GLU A 16 21.05 -4.03 -7.09
C GLU A 16 19.91 -3.46 -6.25
N SER A 17 19.72 -2.16 -6.31
CA SER A 17 18.64 -1.49 -5.61
C SER A 17 17.85 -0.68 -6.61
N MET A 18 16.60 -0.35 -6.29
CA MET A 18 15.81 0.47 -7.18
C MET A 18 15.18 1.63 -6.43
N ARG A 19 14.98 2.74 -7.13
CA ARG A 19 14.35 3.92 -6.54
C ARG A 19 13.24 4.47 -7.43
N LEU A 20 12.08 4.71 -6.83
CA LEU A 20 10.93 5.24 -7.54
C LEU A 20 10.41 6.50 -6.87
N SER A 21 9.80 7.37 -7.67
CA SER A 21 9.16 8.57 -7.12
C SER A 21 7.69 8.65 -7.53
N CYS A 22 6.93 9.43 -6.77
CA CYS A 22 5.50 9.58 -6.99
C CYS A 22 5.09 10.97 -6.52
N ARG A 23 4.84 11.87 -7.46
CA ARG A 23 4.49 13.23 -7.12
C ARG A 23 2.98 13.39 -7.06
N ALA A 24 2.47 13.78 -5.90
CA ALA A 24 1.03 13.97 -5.73
C ALA A 24 0.63 15.39 -6.06
N SER A 25 -0.59 15.56 -6.58
CA SER A 25 -1.08 16.89 -6.87
C SER A 25 -2.60 16.94 -6.78
N GLY A 26 -3.13 18.15 -6.60
CA GLY A 26 -4.57 18.35 -6.61
C GLY A 26 -5.20 18.28 -5.24
N TYR A 27 -4.38 18.05 -4.23
CA TYR A 27 -4.87 18.00 -2.85
C TYR A 27 -3.77 18.31 -1.85
N GLU A 28 -4.16 18.49 -0.58
CA GLU A 28 -3.21 18.75 0.48
C GLU A 28 -2.43 17.49 0.87
N PHE A 29 -1.18 17.46 0.44
CA PHE A 29 -0.31 16.30 0.55
C PHE A 29 -0.24 15.72 1.98
N LEU A 30 -0.30 16.59 2.98
CA LEU A 30 -0.14 16.18 4.39
C LEU A 30 -1.37 15.48 4.95
N ASN A 31 -2.49 15.55 4.23
CA ASN A 31 -3.78 15.09 4.73
C ASN A 31 -3.88 13.60 5.04
N CYS A 32 -3.23 12.76 4.24
CA CYS A 32 -3.38 11.32 4.40
C CYS A 32 -2.19 10.56 3.84
N PRO A 33 -2.10 9.26 4.16
CA PRO A 33 -0.94 8.43 3.84
C PRO A 33 -0.79 8.14 2.36
N ILE A 34 0.44 7.92 1.93
CA ILE A 34 0.72 7.38 0.60
C ILE A 34 1.03 5.90 0.77
N ASN A 35 0.63 5.08 -0.20
CA ASN A 35 0.93 3.66 -0.15
C ASN A 35 1.78 3.21 -1.33
N TRP A 36 2.48 2.09 -1.16
CA TRP A 36 3.18 1.47 -2.27
C TRP A 36 2.75 0.01 -2.37
N ILE A 37 2.23 -0.34 -3.55
CA ILE A 37 1.73 -1.69 -3.79
C ILE A 37 2.38 -2.28 -5.04
N ARG A 38 2.74 -3.56 -4.99
CA ARG A 38 3.30 -4.26 -6.14
C ARG A 38 2.33 -5.34 -6.65
N LEU A 39 2.18 -5.41 -7.97
CA LEU A 39 1.38 -6.46 -8.60
C LEU A 39 2.21 -7.27 -9.59
N ALA A 40 2.49 -8.52 -9.26
CA ALA A 40 3.18 -9.41 -10.19
C ALA A 40 2.15 -10.28 -10.93
N PRO A 41 2.32 -10.43 -12.25
CA PRO A 41 1.35 -11.18 -13.07
C PRO A 41 1.01 -12.52 -12.44
N GLY A 42 -0.30 -12.81 -12.36
CA GLY A 42 -0.78 -14.05 -11.77
C GLY A 42 -0.32 -14.22 -10.34
N ARG A 43 -0.22 -13.11 -9.61
CA ARG A 43 0.23 -13.16 -8.23
C ARG A 43 -0.53 -12.17 -7.36
N ARG A 44 -0.83 -12.59 -6.14
CA ARG A 44 -1.60 -11.77 -5.22
C ARG A 44 -0.91 -10.43 -4.99
N PRO A 45 -1.65 -9.33 -5.18
CA PRO A 45 -1.10 -7.98 -4.99
C PRO A 45 -0.48 -7.84 -3.60
N GLU A 46 0.67 -7.16 -3.51
CA GLU A 46 1.38 -6.98 -2.24
C GLU A 46 1.47 -5.52 -1.81
N TRP A 47 0.87 -5.22 -0.67
CA TRP A 47 1.06 -3.93 -0.02
C TRP A 47 2.43 -3.90 0.63
N MET A 48 3.25 -2.93 0.28
CA MET A 48 4.61 -2.83 0.83
C MET A 48 4.65 -1.99 2.11
N GLY A 49 3.94 -0.88 2.11
CA GLY A 49 3.74 -0.09 3.32
C GLY A 49 3.09 1.26 3.04
N TRP A 50 2.90 2.06 4.09
CA TRP A 50 2.47 3.44 3.90
C TRP A 50 3.40 4.47 4.54
N LEU A 51 3.31 5.70 4.05
CA LEU A 51 4.04 6.82 4.59
C LEU A 51 3.09 7.99 4.81
N LYS A 52 3.17 8.61 5.97
CA LYS A 52 2.41 9.81 6.27
C LYS A 52 3.29 11.02 6.02
N PRO A 53 3.01 11.76 4.95
CA PRO A 53 3.84 12.90 4.52
C PRO A 53 4.11 13.87 5.68
N ARG A 54 3.23 13.86 6.68
CA ARG A 54 3.44 14.65 7.89
C ARG A 54 4.37 13.91 8.84
N GLY A 55 5.57 14.46 9.03
CA GLY A 55 6.57 13.84 9.89
C GLY A 55 7.32 12.73 9.19
N GLY A 56 6.71 12.17 8.15
CA GLY A 56 7.34 11.11 7.39
C GLY A 56 7.27 9.75 8.05
N ALA A 57 6.33 9.58 8.98
CA ALA A 57 6.13 8.32 9.68
C ALA A 57 5.81 7.21 8.68
N VAL A 58 6.23 6.00 9.00
CA VAL A 58 6.05 4.88 8.08
C VAL A 58 5.53 3.62 8.75
N ASN A 59 5.03 2.70 7.92
CA ASN A 59 4.62 1.38 8.37
C ASN A 59 4.94 0.39 7.26
N TYR A 60 5.81 -0.57 7.56
CA TYR A 60 6.30 -1.52 6.57
C TYR A 60 5.72 -2.90 6.84
N ALA A 61 5.29 -3.60 5.79
CA ALA A 61 4.90 -5.00 5.94
C ALA A 61 6.11 -5.76 6.45
N ARG A 62 5.88 -6.74 7.33
CA ARG A 62 6.98 -7.50 7.91
C ARG A 62 7.95 -7.98 6.85
N LYS A 63 7.38 -8.44 5.74
CA LYS A 63 8.14 -9.06 4.66
C LYS A 63 9.29 -8.19 4.14
N PHE A 64 9.12 -6.87 4.18
CA PHE A 64 10.06 -5.96 3.55
C PHE A 64 11.02 -5.23 4.51
N GLN A 65 10.76 -5.29 5.80
CA GLN A 65 11.54 -4.53 6.78
C GLN A 65 13.03 -4.80 6.70
N GLY A 66 13.81 -3.74 6.52
CA GLY A 66 15.26 -3.84 6.41
C GLY A 66 15.70 -3.72 4.97
N ARG A 67 14.75 -3.85 4.05
CA ARG A 67 15.02 -3.77 2.62
C ARG A 67 14.40 -2.53 1.99
N VAL A 68 13.29 -2.06 2.56
CA VAL A 68 12.56 -0.95 1.97
C VAL A 68 12.70 0.34 2.78
N THR A 69 12.74 1.47 2.08
CA THR A 69 12.80 2.77 2.71
C THR A 69 11.87 3.74 2.01
N MET A 70 10.92 4.29 2.76
CA MET A 70 10.01 5.29 2.21
C MET A 70 10.30 6.66 2.83
N THR A 71 10.49 7.66 1.98
CA THR A 71 10.64 9.03 2.45
C THR A 71 9.81 9.96 1.56
N ARG A 72 9.82 11.25 1.88
CA ARG A 72 9.11 12.24 1.08
C ARG A 72 9.78 13.60 1.14
N ASP A 73 9.45 14.43 0.16
CA ASP A 73 9.89 15.82 0.11
C ASP A 73 8.65 16.69 0.14
N VAL A 74 8.25 17.11 1.34
CA VAL A 74 6.99 17.83 1.53
C VAL A 74 6.81 19.06 0.65
N TYR A 75 7.92 19.69 0.26
CA TYR A 75 7.84 20.90 -0.54
C TYR A 75 7.41 20.62 -1.98
N SER A 76 7.87 19.50 -2.53
CA SER A 76 7.52 19.15 -3.91
C SER A 76 6.43 18.07 -3.96
N ASP A 77 5.89 17.72 -2.80
CA ASP A 77 4.81 16.74 -2.72
C ASP A 77 5.18 15.40 -3.33
N THR A 78 6.47 15.07 -3.30
CA THR A 78 6.95 13.84 -3.92
C THR A 78 7.29 12.75 -2.91
N ALA A 79 6.75 11.56 -3.14
CA ALA A 79 7.04 10.39 -2.29
C ALA A 79 8.12 9.52 -2.94
N PHE A 80 9.06 9.04 -2.14
CA PHE A 80 10.14 8.21 -2.65
C PHE A 80 10.15 6.81 -2.02
N LEU A 81 10.62 5.84 -2.78
CA LEU A 81 10.73 4.47 -2.30
C LEU A 81 12.01 3.82 -2.80
N GLU A 82 12.63 3.03 -1.94
CA GLU A 82 13.81 2.27 -2.33
C GLU A 82 13.67 0.83 -1.89
N LEU A 83 14.16 -0.08 -2.72
CA LEU A 83 14.13 -1.50 -2.41
C LEU A 83 15.49 -2.10 -2.70
N ARG A 84 16.12 -2.65 -1.66
CA ARG A 84 17.48 -3.16 -1.77
C ARG A 84 17.52 -4.68 -1.94
N SER A 85 18.67 -5.20 -2.34
CA SER A 85 18.83 -6.64 -2.51
C SER A 85 17.72 -7.27 -3.35
N LEU A 86 17.54 -6.76 -4.57
CA LEU A 86 16.50 -7.24 -5.46
C LEU A 86 16.77 -8.68 -5.93
N THR A 87 15.71 -9.49 -5.94
CA THR A 87 15.76 -10.80 -6.58
C THR A 87 14.61 -10.91 -7.56
N SER A 88 14.70 -11.87 -8.47
CA SER A 88 13.63 -12.12 -9.44
C SER A 88 12.24 -12.05 -8.80
N ASP A 89 12.13 -12.53 -7.56
CA ASP A 89 10.91 -12.39 -6.79
CA ASP A 89 10.90 -12.40 -6.81
C ASP A 89 10.43 -10.94 -6.76
N ASP A 90 11.33 -10.00 -7.01
CA ASP A 90 10.97 -8.58 -6.96
C ASP A 90 10.39 -8.05 -8.28
N THR A 91 10.53 -8.82 -9.35
CA THR A 91 9.93 -8.42 -10.62
C THR A 91 8.45 -8.13 -10.42
N ALA A 92 7.97 -7.01 -10.95
CA ALA A 92 6.61 -6.59 -10.71
C ALA A 92 6.35 -5.18 -11.22
N VAL A 93 5.09 -4.77 -11.19
CA VAL A 93 4.70 -3.40 -11.47
C VAL A 93 4.43 -2.69 -10.14
N TYR A 94 5.15 -1.59 -9.90
CA TYR A 94 5.06 -0.90 -8.62
C TYR A 94 4.14 0.32 -8.69
N PHE A 95 3.19 0.40 -7.78
CA PHE A 95 2.21 1.49 -7.77
C PHE A 95 2.27 2.31 -6.48
N CYS A 96 1.90 3.60 -6.59
CA CYS A 96 1.58 4.39 -5.41
C CYS A 96 0.08 4.66 -5.40
N THR A 97 -0.53 4.59 -4.22
CA THR A 97 -1.96 4.79 -4.10
C THR A 97 -2.33 5.65 -2.90
N ARG A 98 -3.49 6.29 -3.00
CA ARG A 98 -4.04 7.07 -1.91
C ARG A 98 -5.50 6.71 -1.74
N GLY A 99 -5.95 6.66 -0.48
CA GLY A 99 -7.33 6.38 -0.17
C GLY A 99 -8.29 7.39 -0.78
N LYS A 100 -9.58 7.05 -0.78
CA LYS A 100 -10.62 7.89 -1.33
C LYS A 100 -10.95 9.03 -0.38
N TYR A 101 -11.18 8.67 0.88
CA TYR A 101 -11.55 9.62 1.92
C TYR A 101 -10.28 10.20 2.53
N CYS A 102 -10.05 11.49 2.31
CA CYS A 102 -8.83 12.14 2.74
C CYS A 102 -9.08 13.62 2.99
N THR A 103 -9.60 13.95 4.16
CA THR A 103 -9.78 15.35 4.55
C THR A 103 -8.79 15.75 5.64
N ALA A 104 -8.95 16.97 6.16
CA ALA A 104 -8.12 17.43 7.26
C ALA A 104 -8.52 16.73 8.56
N ARG A 105 -9.83 16.60 8.79
CA ARG A 105 -10.35 15.95 9.98
C ARG A 105 -9.87 14.51 10.11
N ASP A 106 -10.18 13.68 9.11
CA ASP A 106 -9.68 12.30 9.11
C ASP A 106 -9.63 11.69 7.72
N TYR A 107 -9.37 10.40 7.66
CA TYR A 107 -9.25 9.68 6.40
C TYR A 107 -9.62 8.20 6.54
N TYR A 108 -9.50 7.48 5.44
CA TYR A 108 -9.57 6.02 5.46
C TYR A 108 -8.64 5.53 4.38
N ASN A 109 -7.50 4.98 4.81
CA ASN A 109 -6.42 4.64 3.89
C ASN A 109 -6.76 3.66 2.77
N TRP A 110 -7.55 2.63 3.09
CA TRP A 110 -7.53 1.39 2.30
C TRP A 110 -8.45 1.30 1.09
N ASP A 111 -9.23 2.33 0.79
CA ASP A 111 -9.99 2.36 -0.45
C ASP A 111 -9.22 3.12 -1.51
N PHE A 112 -8.45 2.40 -2.31
CA PHE A 112 -7.53 3.03 -3.25
C PHE A 112 -8.26 3.54 -4.50
N GLU A 113 -8.70 4.78 -4.45
CA GLU A 113 -9.36 5.39 -5.61
C GLU A 113 -8.34 6.06 -6.52
N HIS A 114 -7.14 6.28 -6.01
CA HIS A 114 -6.11 6.95 -6.80
C HIS A 114 -4.85 6.12 -6.95
N TRP A 115 -4.43 5.94 -8.19
CA TRP A 115 -3.25 5.14 -8.50
C TRP A 115 -2.34 5.90 -9.47
N GLY A 116 -1.03 5.75 -9.29
CA GLY A 116 -0.09 6.17 -10.32
C GLY A 116 -0.24 5.27 -11.54
N ARG A 117 0.39 5.65 -12.64
CA ARG A 117 0.35 4.86 -13.88
C ARG A 117 1.11 3.54 -13.71
N GLY A 118 1.95 3.46 -12.67
CA GLY A 118 2.71 2.25 -12.42
C GLY A 118 4.10 2.26 -13.02
N ALA A 119 5.03 1.56 -12.37
CA ALA A 119 6.39 1.45 -12.87
C ALA A 119 6.78 -0.02 -12.98
N PRO A 120 6.90 -0.52 -14.21
CA PRO A 120 7.18 -1.95 -14.39
C PRO A 120 8.65 -2.25 -14.17
N VAL A 121 8.94 -3.08 -13.16
CA VAL A 121 10.32 -3.42 -12.83
C VAL A 121 10.61 -4.90 -13.02
N THR A 122 11.54 -5.22 -13.91
CA THR A 122 12.00 -6.59 -14.04
C THR A 122 13.42 -6.76 -13.50
N VAL A 123 13.60 -7.76 -12.64
CA VAL A 123 14.92 -8.07 -12.11
C VAL A 123 15.36 -9.46 -12.56
N SER A 124 16.40 -9.49 -13.40
CA SER A 124 16.99 -10.73 -13.88
C SER A 124 18.44 -10.48 -14.25
N SER A 125 19.16 -11.56 -14.58
CA SER A 125 20.57 -11.44 -14.92
C SER A 125 20.81 -11.35 -16.43
N ALA A 126 19.73 -11.43 -17.19
CA ALA A 126 19.82 -11.32 -18.64
C ALA A 126 20.24 -9.91 -19.07
N SER A 127 21.10 -9.82 -20.07
CA SER A 127 21.47 -8.54 -20.65
C SER A 127 20.70 -8.32 -21.95
N THR A 128 20.32 -7.08 -22.22
CA THR A 128 19.59 -6.75 -23.44
C THR A 128 20.22 -7.42 -24.64
N LYS A 129 19.43 -8.21 -25.35
CA LYS A 129 19.94 -8.99 -26.47
C LYS A 129 18.90 -9.10 -27.59
N GLY A 130 19.33 -8.82 -28.81
CA GLY A 130 18.45 -8.89 -29.97
C GLY A 130 18.19 -10.32 -30.39
N PRO A 131 17.02 -10.57 -30.98
CA PRO A 131 16.58 -11.91 -31.35
C PRO A 131 17.24 -12.40 -32.63
N SER A 132 17.65 -13.66 -32.65
CA SER A 132 17.97 -14.31 -33.91
C SER A 132 16.64 -14.81 -34.47
N VAL A 133 16.42 -14.63 -35.76
CA VAL A 133 15.14 -14.98 -36.37
C VAL A 133 15.28 -16.16 -37.33
N PHE A 134 14.54 -17.23 -37.05
CA PHE A 134 14.59 -18.43 -37.87
C PHE A 134 13.28 -18.66 -38.61
N PRO A 135 13.38 -19.19 -39.84
CA PRO A 135 12.20 -19.43 -40.68
C PRO A 135 11.42 -20.64 -40.19
N LEU A 136 10.09 -20.56 -40.26
CA LEU A 136 9.25 -21.74 -40.09
C LEU A 136 8.70 -22.10 -41.47
N ALA A 137 9.46 -22.91 -42.21
CA ALA A 137 9.17 -23.14 -43.63
C ALA A 137 7.97 -24.05 -43.89
N PRO A 138 7.11 -23.63 -44.83
CA PRO A 138 5.93 -24.39 -45.28
C PRO A 138 6.32 -25.68 -46.00
N SER A 139 5.33 -26.54 -46.27
CA SER A 139 5.57 -27.80 -46.97
C SER A 139 4.31 -28.29 -47.68
N SER A 140 4.49 -28.86 -48.86
CA SER A 140 3.37 -29.36 -49.66
C SER A 140 2.85 -30.68 -49.10
N GLY A 145 -4.20 -28.84 -47.53
CA GLY A 145 -4.86 -29.09 -48.79
C GLY A 145 -4.66 -27.98 -49.80
N GLY A 146 -5.30 -26.84 -49.54
CA GLY A 146 -5.13 -25.66 -50.38
C GLY A 146 -4.46 -24.54 -49.62
N THR A 147 -4.26 -24.75 -48.31
CA THR A 147 -3.65 -23.74 -47.46
C THR A 147 -2.38 -24.27 -46.77
N ALA A 148 -1.33 -23.46 -46.82
CA ALA A 148 -0.07 -23.82 -46.17
C ALA A 148 0.20 -22.87 -45.01
N ALA A 149 0.89 -23.37 -43.99
CA ALA A 149 1.26 -22.55 -42.85
C ALA A 149 2.75 -22.25 -42.85
N LEU A 150 3.11 -21.04 -42.41
CA LEU A 150 4.51 -20.65 -42.36
C LEU A 150 4.71 -19.52 -41.36
N GLY A 151 5.95 -19.32 -40.92
CA GLY A 151 6.24 -18.23 -40.02
C GLY A 151 7.71 -18.02 -39.71
N CYS A 152 7.97 -17.16 -38.72
CA CYS A 152 9.32 -16.90 -38.22
C CYS A 152 9.36 -17.23 -36.74
N LEU A 153 10.45 -17.87 -36.31
CA LEU A 153 10.69 -18.10 -34.89
C LEU A 153 11.63 -17.02 -34.37
N VAL A 154 11.12 -16.18 -33.48
CA VAL A 154 11.88 -15.09 -32.91
C VAL A 154 12.41 -15.53 -31.55
N LYS A 155 13.68 -15.93 -31.51
CA LYS A 155 14.21 -16.62 -30.33
C LYS A 155 15.37 -15.90 -29.66
N ASP A 156 15.36 -15.94 -28.32
CA ASP A 156 16.45 -15.43 -27.50
C ASP A 156 16.65 -13.92 -27.62
N TYR A 157 15.62 -13.18 -27.22
CA TYR A 157 15.74 -11.74 -27.11
C TYR A 157 15.36 -11.31 -25.70
N PHE A 158 15.84 -10.14 -25.31
CA PHE A 158 15.55 -9.59 -24.00
C PHE A 158 15.88 -8.11 -24.05
N PRO A 159 15.05 -7.28 -23.41
CA PRO A 159 13.80 -7.72 -22.80
C PRO A 159 12.65 -7.57 -23.79
N GLU A 160 11.42 -7.84 -23.34
CA GLU A 160 10.24 -7.54 -24.13
C GLU A 160 10.21 -6.03 -24.40
N PRO A 161 9.48 -5.61 -25.45
CA PRO A 161 8.75 -6.46 -26.38
C PRO A 161 9.39 -6.47 -27.77
N VAL A 162 8.91 -7.37 -28.62
CA VAL A 162 9.27 -7.38 -30.02
C VAL A 162 7.98 -7.28 -30.83
N THR A 163 8.06 -6.67 -32.01
CA THR A 163 6.90 -6.55 -32.88
C THR A 163 7.17 -7.27 -34.21
N VAL A 164 6.13 -7.89 -34.76
CA VAL A 164 6.27 -8.64 -36.01
C VAL A 164 5.16 -8.31 -37.00
N SER A 165 5.56 -7.98 -38.23
CA SER A 165 4.59 -7.79 -39.31
C SER A 165 4.97 -8.65 -40.50
N TRP A 166 4.17 -8.61 -41.55
CA TRP A 166 4.44 -9.40 -42.75
C TRP A 166 4.41 -8.55 -44.02
N ASN A 167 5.35 -8.81 -44.92
CA ASN A 167 5.49 -8.03 -46.15
C ASN A 167 5.22 -6.54 -45.93
N SER A 168 5.80 -6.00 -44.87
CA SER A 168 5.68 -4.58 -44.55
C SER A 168 4.25 -4.16 -44.20
N GLY A 169 3.50 -5.08 -43.60
CA GLY A 169 2.13 -4.81 -43.21
C GLY A 169 1.11 -5.06 -44.32
N ALA A 170 1.61 -5.33 -45.53
CA ALA A 170 0.72 -5.58 -46.66
C ALA A 170 -0.11 -6.84 -46.44
N LEU A 171 0.38 -7.73 -45.59
CA LEU A 171 -0.26 -9.02 -45.35
C LEU A 171 -0.75 -9.16 -43.92
N THR A 172 -2.06 -9.05 -43.72
CA THR A 172 -2.63 -9.06 -42.37
C THR A 172 -3.55 -10.24 -42.08
N SER A 173 -4.31 -10.69 -43.08
CA SER A 173 -5.27 -11.78 -42.89
C SER A 173 -4.55 -13.13 -42.74
N GLY A 174 -4.92 -13.87 -41.69
CA GLY A 174 -4.32 -15.17 -41.43
C GLY A 174 -3.15 -15.12 -40.46
N VAL A 175 -2.71 -13.91 -40.14
CA VAL A 175 -1.53 -13.73 -39.28
C VAL A 175 -1.85 -14.05 -37.82
N HIS A 176 -1.02 -14.89 -37.21
CA HIS A 176 -1.14 -15.18 -35.78
C HIS A 176 0.20 -15.00 -35.09
N THR A 177 0.33 -13.91 -34.34
CA THR A 177 1.53 -13.64 -33.56
C THR A 177 1.27 -14.02 -32.11
N PHE A 178 1.96 -15.06 -31.65
CA PHE A 178 1.72 -15.59 -30.32
C PHE A 178 2.41 -14.78 -29.22
N PRO A 179 1.82 -14.80 -28.01
CA PRO A 179 2.44 -14.17 -26.84
C PRO A 179 3.83 -14.73 -26.61
N ALA A 180 4.78 -13.89 -26.21
CA ALA A 180 6.13 -14.37 -25.92
C ALA A 180 6.11 -15.27 -24.68
N VAL A 181 7.07 -16.17 -24.59
CA VAL A 181 7.25 -16.95 -23.38
C VAL A 181 8.66 -16.73 -22.83
N LEU A 182 8.79 -16.86 -21.51
CA LEU A 182 10.10 -16.69 -20.86
C LEU A 182 10.79 -18.04 -20.67
N GLN A 183 11.91 -18.23 -21.36
CA GLN A 183 12.64 -19.49 -21.28
C GLN A 183 13.45 -19.58 -20.00
N SER A 184 13.84 -20.80 -19.63
CA SER A 184 14.55 -21.05 -18.39
C SER A 184 15.93 -20.40 -18.38
N SER A 185 16.26 -19.70 -19.46
CA SER A 185 17.57 -19.05 -19.60
C SER A 185 17.46 -17.55 -19.34
N GLY A 186 16.24 -17.06 -19.23
CA GLY A 186 16.01 -15.65 -18.96
C GLY A 186 15.70 -14.87 -20.22
N LEU A 187 15.89 -15.52 -21.37
CA LEU A 187 15.59 -14.92 -22.66
C LEU A 187 14.18 -15.28 -23.14
N TYR A 188 13.55 -14.37 -23.87
CA TYR A 188 12.21 -14.61 -24.39
C TYR A 188 12.23 -15.25 -25.77
N SER A 189 11.11 -15.89 -26.12
CA SER A 189 10.92 -16.45 -27.46
C SER A 189 9.45 -16.34 -27.86
N LEU A 190 9.20 -16.09 -29.14
CA LEU A 190 7.85 -16.10 -29.67
C LEU A 190 7.81 -16.47 -31.15
N SER A 191 6.65 -16.94 -31.60
CA SER A 191 6.49 -17.34 -32.99
C SER A 191 5.41 -16.51 -33.67
N SER A 192 5.59 -16.29 -34.97
CA SER A 192 4.57 -15.62 -35.77
C SER A 192 4.30 -16.42 -37.02
N VAL A 193 3.09 -16.96 -37.11
CA VAL A 193 2.71 -17.77 -38.27
C VAL A 193 1.68 -17.06 -39.13
N VAL A 194 1.53 -17.54 -40.36
CA VAL A 194 0.49 -17.09 -41.26
C VAL A 194 0.11 -18.24 -42.18
N THR A 195 -1.17 -18.35 -42.52
CA THR A 195 -1.61 -19.33 -43.49
C THR A 195 -1.85 -18.67 -44.84
N VAL A 196 -1.47 -19.36 -45.90
CA VAL A 196 -1.66 -18.83 -47.25
C VAL A 196 -2.07 -19.96 -48.20
N PRO A 197 -2.63 -19.60 -49.36
CA PRO A 197 -2.87 -20.59 -50.41
C PRO A 197 -1.56 -21.29 -50.76
N SER A 198 -1.54 -22.62 -50.67
CA SER A 198 -0.31 -23.36 -50.94
C SER A 198 0.08 -23.28 -52.42
N SER A 199 -0.67 -22.51 -53.18
CA SER A 199 -0.35 -22.31 -54.59
C SER A 199 0.40 -20.99 -54.78
N SER A 200 0.48 -20.21 -53.70
CA SER A 200 1.20 -18.95 -53.71
C SER A 200 2.69 -19.17 -53.43
N LEU A 201 2.98 -20.23 -52.69
CA LEU A 201 4.36 -20.54 -52.31
C LEU A 201 5.30 -20.54 -53.50
N GLY A 202 4.78 -20.98 -54.65
CA GLY A 202 5.58 -21.02 -55.86
C GLY A 202 6.05 -19.65 -56.30
N THR A 203 5.13 -18.69 -56.32
CA THR A 203 5.43 -17.36 -56.84
C THR A 203 5.51 -16.29 -55.75
N GLN A 204 4.55 -16.31 -54.83
CA GLN A 204 4.44 -15.27 -53.82
C GLN A 204 5.53 -15.34 -52.75
N THR A 205 6.27 -14.24 -52.60
CA THR A 205 7.35 -14.17 -51.62
C THR A 205 6.84 -13.63 -50.28
N TYR A 206 7.21 -14.32 -49.19
CA TYR A 206 6.77 -13.93 -47.87
C TYR A 206 7.93 -13.49 -46.97
N ILE A 207 7.81 -12.31 -46.38
CA ILE A 207 8.88 -11.74 -45.57
C ILE A 207 8.46 -11.46 -44.13
N CYS A 208 9.39 -11.68 -43.21
CA CYS A 208 9.17 -11.47 -41.78
C CYS A 208 9.78 -10.13 -41.36
N ASN A 209 8.94 -9.22 -40.87
CA ASN A 209 9.45 -7.92 -40.42
C ASN A 209 9.57 -7.87 -38.90
N VAL A 210 10.77 -8.13 -38.39
CA VAL A 210 10.97 -8.17 -36.94
C VAL A 210 11.62 -6.90 -36.42
N ASN A 211 10.98 -6.29 -35.43
CA ASN A 211 11.53 -5.09 -34.81
C ASN A 211 11.67 -5.27 -33.31
N HIS A 212 12.91 -5.20 -32.83
CA HIS A 212 13.18 -5.26 -31.39
C HIS A 212 13.87 -3.97 -30.98
N LYS A 213 13.07 -2.97 -30.63
CA LYS A 213 13.57 -1.63 -30.32
C LYS A 213 14.62 -1.60 -29.20
N PRO A 214 14.40 -2.34 -28.11
CA PRO A 214 15.32 -2.30 -26.97
C PRO A 214 16.78 -2.58 -27.36
N SER A 215 16.99 -3.28 -28.46
CA SER A 215 18.35 -3.57 -28.93
C SER A 215 18.58 -2.94 -30.30
N ASN A 216 17.60 -2.17 -30.77
CA ASN A 216 17.66 -1.55 -32.09
C ASN A 216 17.83 -2.53 -33.24
N THR A 217 17.47 -3.79 -33.02
CA THR A 217 17.58 -4.79 -34.07
C THR A 217 16.31 -4.89 -34.91
N LYS A 218 16.46 -4.68 -36.21
CA LYS A 218 15.35 -4.72 -37.14
C LYS A 218 15.68 -5.70 -38.27
N VAL A 219 14.95 -6.80 -38.33
CA VAL A 219 15.24 -7.85 -39.30
C VAL A 219 14.10 -8.08 -40.29
N ASP A 220 14.45 -8.19 -41.56
CA ASP A 220 13.49 -8.57 -42.59
C ASP A 220 13.83 -9.97 -43.10
N LYS A 221 13.22 -10.98 -42.48
CA LYS A 221 13.54 -12.37 -42.77
C LYS A 221 12.63 -12.95 -43.85
N ARG A 222 13.22 -13.36 -44.97
CA ARG A 222 12.46 -13.96 -46.06
C ARG A 222 12.22 -15.44 -45.78
N VAL A 223 10.96 -15.84 -45.71
CA VAL A 223 10.61 -17.24 -45.52
C VAL A 223 10.26 -17.89 -46.85
N GLU A 224 10.87 -19.04 -47.12
CA GLU A 224 10.60 -19.74 -48.36
C GLU A 224 10.61 -21.25 -48.17
N PRO A 225 9.76 -21.95 -48.94
CA PRO A 225 9.57 -23.41 -48.87
C PRO A 225 10.88 -24.16 -48.88
N LYS A 226 11.02 -25.13 -47.97
CA LYS A 226 12.19 -25.99 -47.96
C LYS A 226 11.77 -27.47 -48.02
N VAL B 1 -34.72 14.81 23.10
CA VAL B 1 -34.59 16.04 23.86
C VAL B 1 -33.38 16.86 23.40
N TRP B 2 -32.33 16.16 22.96
CA TRP B 2 -31.14 16.83 22.43
C TRP B 2 -30.57 16.10 21.22
N LYS B 3 -29.63 16.76 20.53
CA LYS B 3 -29.00 16.19 19.34
C LYS B 3 -27.52 16.55 19.29
N ASP B 4 -26.72 15.71 18.63
CA ASP B 4 -25.30 15.98 18.46
C ASP B 4 -25.10 17.23 17.60
N ALA B 5 -24.06 18.01 17.91
CA ALA B 5 -23.84 19.28 17.23
C ALA B 5 -22.43 19.82 17.42
N ASP B 6 -21.97 20.60 16.44
CA ASP B 6 -20.74 21.38 16.60
C ASP B 6 -21.12 22.82 16.95
N THR B 7 -20.15 23.60 17.43
CA THR B 7 -20.40 24.98 17.77
C THR B 7 -19.10 25.67 18.17
N THR B 8 -19.17 26.97 18.45
CA THR B 8 -18.02 27.71 18.90
C THR B 8 -17.98 27.72 20.43
N LEU B 9 -16.96 27.09 20.99
CA LEU B 9 -16.81 27.02 22.44
C LEU B 9 -15.93 28.18 22.93
N PHE B 10 -16.04 28.50 24.21
CA PHE B 10 -15.15 29.49 24.79
C PHE B 10 -14.32 28.82 25.88
N CYS B 11 -13.15 29.39 26.15
CA CYS B 11 -12.24 28.81 27.13
C CYS B 11 -12.36 29.48 28.49
N ALA B 12 -12.06 28.72 29.53
CA ALA B 12 -12.07 29.24 30.89
C ALA B 12 -10.81 28.73 31.62
N SER B 13 -10.22 29.59 32.45
CA SER B 13 -9.00 29.22 33.17
C SER B 13 -8.86 29.97 34.48
N ASP B 14 -7.74 29.73 35.16
CA ASP B 14 -7.44 30.39 36.42
C ASP B 14 -6.26 31.35 36.25
N ALA B 15 -6.12 31.88 35.04
CA ALA B 15 -5.04 32.82 34.72
C ALA B 15 -5.16 34.12 35.54
N LYS B 16 -4.03 34.59 36.06
CA LYS B 16 -4.03 35.79 36.91
C LYS B 16 -3.34 36.95 36.23
N ALA B 17 -3.89 38.15 36.41
CA ALA B 17 -3.32 39.36 35.83
C ALA B 17 -1.85 39.55 36.18
N HIS B 18 -1.44 39.16 37.38
CA HIS B 18 -0.05 39.35 37.82
C HIS B 18 0.95 38.41 37.15
N GLU B 19 0.50 37.22 36.73
CA GLU B 19 1.41 36.26 36.10
C GLU B 19 1.73 36.66 34.66
N THR B 20 3.02 36.62 34.33
CA THR B 20 3.47 37.12 33.04
C THR B 20 3.99 36.01 32.12
N GLU B 21 3.93 34.77 32.59
CA GLU B 21 4.23 33.64 31.72
C GLU B 21 3.28 33.68 30.52
N CYS B 22 3.79 33.31 29.34
CA CYS B 22 3.07 33.57 28.08
C CYS B 22 1.72 32.89 27.94
N HIS B 23 1.63 31.62 28.29
CA HIS B 23 0.36 30.90 28.19
C HIS B 23 -0.65 31.58 29.11
N ASN B 24 -0.23 31.85 30.35
CA ASN B 24 -1.09 32.54 31.30
C ASN B 24 -1.67 33.82 30.70
N VAL B 25 -0.83 34.55 29.96
CA VAL B 25 -1.23 35.84 29.42
C VAL B 25 -2.25 35.67 28.30
N TRP B 26 -1.99 34.70 27.43
CA TRP B 26 -2.87 34.36 26.34
C TRP B 26 -4.27 34.06 26.86
N ALA B 27 -4.33 33.37 28.00
CA ALA B 27 -5.60 33.03 28.64
C ALA B 27 -6.33 34.26 29.20
N THR B 28 -5.61 35.17 29.87
CA THR B 28 -6.23 36.39 30.39
C THR B 28 -6.90 37.16 29.25
N HIS B 29 -6.41 36.93 28.04
CA HIS B 29 -6.97 37.58 26.86
C HIS B 29 -8.10 36.76 26.19
N ALA B 30 -7.89 35.46 26.03
CA ALA B 30 -8.83 34.61 25.28
C ALA B 30 -10.02 34.10 26.11
N CYS B 31 -9.75 33.74 27.37
CA CYS B 31 -10.70 33.01 28.19
C CYS B 31 -11.40 33.86 29.25
N VAL B 32 -12.31 33.23 29.98
CA VAL B 32 -12.92 33.86 31.15
C VAL B 32 -12.54 33.08 32.41
N PRO B 33 -12.78 33.67 33.59
CA PRO B 33 -12.47 32.97 34.84
C PRO B 33 -13.22 31.64 34.95
N THR B 34 -12.55 30.62 35.46
CA THR B 34 -13.19 29.32 35.65
C THR B 34 -14.41 29.45 36.54
N ASP B 35 -15.41 28.62 36.28
CA ASP B 35 -16.65 28.64 37.06
C ASP B 35 -16.35 28.41 38.54
N PRO B 36 -16.79 29.35 39.39
CA PRO B 36 -16.57 29.26 40.83
C PRO B 36 -17.26 28.03 41.43
N ASN B 37 -18.42 27.68 40.90
CA ASN B 37 -19.17 26.53 41.40
C ASN B 37 -19.71 25.64 40.28
N PRO B 38 -18.94 24.61 39.89
CA PRO B 38 -19.37 23.70 38.83
C PRO B 38 -20.63 22.94 39.24
N GLN B 39 -21.46 22.58 38.26
CA GLN B 39 -22.64 21.78 38.52
C GLN B 39 -22.69 20.58 37.59
N GLU B 40 -22.53 19.39 38.15
CA GLU B 40 -22.62 18.17 37.36
C GLU B 40 -23.90 17.42 37.69
N ILE B 41 -24.84 17.43 36.76
CA ILE B 41 -26.09 16.71 36.95
C ILE B 41 -26.02 15.31 36.34
N HIS B 42 -26.16 14.30 37.18
CA HIS B 42 -26.24 12.93 36.70
C HIS B 42 -27.55 12.77 35.93
N LEU B 43 -27.48 12.19 34.74
CA LEU B 43 -28.67 11.99 33.92
C LEU B 43 -29.26 10.61 34.17
N GLU B 44 -30.47 10.58 34.71
CA GLU B 44 -31.11 9.33 35.11
C GLU B 44 -31.36 8.40 33.93
N ASN B 45 -31.37 7.10 34.21
CA ASN B 45 -31.42 6.05 33.18
C ASN B 45 -31.26 6.54 31.74
N VAL B 46 -30.04 6.95 31.40
CA VAL B 46 -29.73 7.47 30.08
C VAL B 46 -28.51 6.76 29.48
N THR B 47 -28.50 6.64 28.16
CA THR B 47 -27.37 6.04 27.46
C THR B 47 -27.05 6.85 26.20
N GLU B 48 -25.76 7.04 25.95
CA GLU B 48 -25.32 7.84 24.81
C GLU B 48 -24.10 7.21 24.15
N ASN B 49 -24.02 7.33 22.84
CA ASN B 49 -22.83 6.89 22.11
C ASN B 49 -21.82 8.03 21.97
N PHE B 50 -20.55 7.73 22.27
CA PHE B 50 -19.47 8.68 22.10
C PHE B 50 -18.54 8.19 21.00
N ASN B 51 -17.86 9.12 20.33
CA ASN B 51 -16.80 8.78 19.40
C ASN B 51 -15.69 9.81 19.43
N MET B 52 -14.67 9.54 20.24
CA MET B 52 -13.57 10.45 20.45
C MET B 52 -12.76 10.69 19.17
N TRP B 53 -12.86 9.78 18.22
CA TRP B 53 -12.11 9.87 16.97
C TRP B 53 -12.78 10.84 16.00
N LYS B 54 -14.01 11.23 16.33
CA LYS B 54 -14.73 12.23 15.55
C LYS B 54 -15.38 13.26 16.47
N ASN B 55 -14.55 13.91 17.27
CA ASN B 55 -15.03 14.93 18.19
C ASN B 55 -14.56 16.32 17.74
N ASN B 56 -15.49 17.13 17.26
CA ASN B 56 -15.18 18.48 16.80
C ASN B 56 -14.44 19.35 17.84
N MET B 57 -14.58 19.01 19.11
CA MET B 57 -13.93 19.77 20.17
C MET B 57 -12.41 19.74 20.00
N VAL B 58 -11.92 18.64 19.43
CA VAL B 58 -10.50 18.48 19.17
C VAL B 58 -9.99 19.54 18.20
N GLU B 59 -10.80 19.86 17.20
CA GLU B 59 -10.41 20.82 16.18
C GLU B 59 -10.27 22.22 16.79
N GLN B 60 -11.19 22.58 17.67
CA GLN B 60 -11.18 23.91 18.26
C GLN B 60 -9.95 24.12 19.15
N MET B 61 -9.63 23.12 19.96
CA MET B 61 -8.43 23.20 20.79
C MET B 61 -7.19 23.33 19.90
N GLN B 62 -7.17 22.58 18.81
CA GLN B 62 -6.09 22.64 17.85
C GLN B 62 -5.82 24.08 17.41
N GLU B 63 -6.87 24.78 17.01
CA GLU B 63 -6.72 26.16 16.55
CA GLU B 63 -6.75 26.17 16.56
C GLU B 63 -6.22 27.10 17.65
N ASP B 64 -6.55 26.79 18.91
CA ASP B 64 -6.09 27.61 20.02
C ASP B 64 -4.58 27.41 20.24
N VAL B 65 -4.17 26.16 20.32
CA VAL B 65 -2.76 25.84 20.50
C VAL B 65 -1.90 26.39 19.36
N ILE B 66 -2.47 26.45 18.16
CA ILE B 66 -1.76 27.07 17.03
C ILE B 66 -1.67 28.58 17.25
N SER B 67 -2.71 29.13 17.86
CA SER B 67 -2.76 30.53 18.22
C SER B 67 -1.75 30.80 19.32
N LEU B 68 -1.72 29.90 20.29
CA LEU B 68 -0.83 30.01 21.44
C LEU B 68 0.64 29.98 21.01
N TRP B 69 0.96 29.10 20.08
CA TRP B 69 2.34 28.94 19.65
C TRP B 69 2.79 30.07 18.74
N ASP B 70 1.84 30.83 18.22
CA ASP B 70 2.17 31.92 17.32
C ASP B 70 2.59 33.16 18.09
N GLN B 71 2.22 33.22 19.36
CA GLN B 71 2.53 34.38 20.18
C GLN B 71 3.38 34.02 21.39
N CYS B 72 3.83 32.77 21.47
CA CYS B 72 4.65 32.32 22.59
C CYS B 72 5.90 31.59 22.16
N LEU B 73 5.86 30.95 20.99
CA LEU B 73 7.03 30.24 20.48
C LEU B 73 7.41 30.72 19.08
N GLN B 74 7.39 32.03 18.89
CA GLN B 74 7.79 32.62 17.62
C GLN B 74 9.27 32.35 17.38
N PRO B 75 9.61 31.72 16.24
CA PRO B 75 11.01 31.39 15.95
C PRO B 75 11.76 32.57 15.34
N CYS B 76 13.09 32.49 15.34
CA CYS B 76 13.93 33.55 14.77
C CYS B 76 13.80 33.59 13.25
N VAL B 77 13.75 32.42 12.63
CA VAL B 77 13.55 32.32 11.20
C VAL B 77 12.67 31.12 10.83
N LYS B 78 11.92 31.27 9.75
CA LYS B 78 11.07 30.19 9.24
C LYS B 78 11.52 29.82 7.83
N LEU B 79 11.78 28.54 7.60
CA LEU B 79 12.12 28.05 6.27
C LEU B 79 10.96 27.23 5.72
N THR B 80 10.15 27.87 4.88
CA THR B 80 8.96 27.22 4.32
C THR B 80 9.24 26.63 2.95
N GLY B 81 10.52 26.40 2.64
CA GLY B 81 10.91 25.84 1.36
C GLY B 81 10.75 26.83 0.23
N GLY B 82 9.64 27.54 0.23
CA GLY B 82 9.38 28.55 -0.78
C GLY B 82 10.00 29.89 -0.42
N SER B 83 10.23 30.10 0.87
CA SER B 83 10.83 31.35 1.34
C SER B 83 11.60 31.16 2.66
N VAL B 84 12.39 32.17 3.01
CA VAL B 84 13.15 32.19 4.26
C VAL B 84 12.99 33.54 4.94
N ILE B 85 12.15 33.60 5.96
CA ILE B 85 11.82 34.88 6.59
C ILE B 85 12.49 35.05 7.95
N LYS B 86 13.04 36.25 8.18
CA LYS B 86 13.63 36.60 9.46
C LYS B 86 12.61 37.33 10.31
N GLN B 87 12.74 37.20 11.63
CA GLN B 87 11.82 37.86 12.55
C GLN B 87 12.34 37.82 13.97
N ALA B 88 11.81 38.69 14.82
CA ALA B 88 12.24 38.79 16.21
C ALA B 88 12.22 37.43 16.90
N CYS B 89 13.22 37.18 17.74
CA CYS B 89 13.33 35.91 18.43
C CYS B 89 13.23 36.09 19.94
N PRO B 90 12.03 36.47 20.41
CA PRO B 90 11.83 36.78 21.83
C PRO B 90 12.17 35.61 22.73
N LYS B 91 12.78 35.88 23.87
CA LYS B 91 13.04 34.84 24.86
C LYS B 91 11.70 34.26 25.31
N ILE B 92 11.63 32.94 25.41
CA ILE B 92 10.36 32.29 25.68
C ILE B 92 10.24 31.71 27.09
N SER B 93 9.28 32.23 27.86
CA SER B 93 8.92 31.64 29.15
C SER B 93 7.54 30.98 29.01
N PHE B 94 7.55 29.66 28.83
CA PHE B 94 6.34 28.93 28.50
C PHE B 94 6.13 27.74 29.44
N ASP B 95 4.99 27.71 30.11
CA ASP B 95 4.63 26.59 30.97
C ASP B 95 3.11 26.41 30.96
N PRO B 96 2.61 25.46 30.16
CA PRO B 96 1.18 25.23 29.93
C PRO B 96 0.35 25.18 31.20
N ILE B 97 -0.75 25.93 31.21
CA ILE B 97 -1.69 25.91 32.33
C ILE B 97 -2.97 25.23 31.89
N PRO B 98 -3.72 24.66 32.85
CA PRO B 98 -4.96 23.94 32.53
C PRO B 98 -5.99 24.85 31.87
N ILE B 99 -6.57 24.39 30.76
CA ILE B 99 -7.59 25.15 30.06
C ILE B 99 -8.92 24.38 30.05
N HIS B 100 -10.00 25.08 30.44
CA HIS B 100 -11.34 24.50 30.43
C HIS B 100 -12.06 24.91 29.15
N TYR B 101 -12.73 23.96 28.51
CA TYR B 101 -13.58 24.27 27.37
C TYR B 101 -15.06 24.22 27.74
N CYS B 102 -15.80 25.26 27.35
CA CYS B 102 -17.18 25.42 27.78
C CYS B 102 -18.10 25.68 26.60
N THR B 103 -19.38 25.35 26.77
CA THR B 103 -20.37 25.57 25.72
C THR B 103 -21.17 26.85 25.95
N PRO B 104 -21.57 27.51 24.85
CA PRO B 104 -22.44 28.68 24.88
C PRO B 104 -23.89 28.30 25.17
N ALA B 105 -24.76 29.28 25.31
CA ALA B 105 -26.17 29.03 25.56
C ALA B 105 -26.78 28.11 24.51
N GLY B 106 -27.80 27.36 24.90
CA GLY B 106 -28.52 26.51 23.96
C GLY B 106 -27.83 25.21 23.62
N TYR B 107 -26.58 25.07 24.05
CA TYR B 107 -25.84 23.83 23.88
C TYR B 107 -25.46 23.27 25.24
N VAL B 108 -24.66 22.21 25.25
CA VAL B 108 -24.18 21.63 26.50
C VAL B 108 -23.22 20.48 26.23
N ILE B 109 -22.41 20.15 27.22
CA ILE B 109 -21.43 19.09 27.08
C ILE B 109 -21.91 17.85 27.82
N LEU B 110 -21.67 16.68 27.23
CA LEU B 110 -22.01 15.42 27.87
C LEU B 110 -20.74 14.69 28.27
N LYS B 111 -20.79 14.04 29.44
CA LYS B 111 -19.62 13.40 30.01
C LYS B 111 -19.88 11.93 30.29
N CYS B 112 -18.96 11.08 29.86
CA CYS B 112 -19.06 9.64 30.05
C CYS B 112 -18.29 9.17 31.29
N ASN B 113 -19.02 8.69 32.29
CA ASN B 113 -18.41 8.28 33.55
C ASN B 113 -18.22 6.78 33.71
N ASP B 114 -18.19 6.06 32.59
CA ASP B 114 -17.84 4.64 32.61
C ASP B 114 -16.34 4.49 32.86
N LYS B 115 -15.99 3.82 33.95
CA LYS B 115 -14.60 3.78 34.41
C LYS B 115 -13.65 3.07 33.44
N ASN B 116 -14.21 2.29 32.51
CA ASN B 116 -13.39 1.61 31.52
C ASN B 116 -13.87 1.85 30.09
N PHE B 117 -14.45 3.03 29.87
CA PHE B 117 -14.89 3.45 28.55
C PHE B 117 -13.67 3.72 27.66
N ASN B 118 -13.54 2.95 26.58
CA ASN B 118 -12.34 3.04 25.74
C ASN B 118 -12.35 4.13 24.68
N GLY B 119 -13.48 4.85 24.58
CA GLY B 119 -13.56 5.97 23.67
C GLY B 119 -14.58 5.87 22.55
N THR B 120 -15.13 4.68 22.33
CA THR B 120 -16.20 4.50 21.36
C THR B 120 -17.27 3.55 21.87
N GLY B 121 -18.53 3.84 21.56
CA GLY B 121 -19.61 3.00 22.00
C GLY B 121 -20.56 3.73 22.92
N PRO B 122 -21.55 3.00 23.47
CA PRO B 122 -22.51 3.60 24.40
C PRO B 122 -21.92 3.75 25.80
N CYS B 123 -22.37 4.76 26.53
CA CYS B 123 -21.95 4.96 27.91
C CYS B 123 -23.16 4.84 28.82
N LYS B 124 -22.97 4.21 29.98
CA LYS B 124 -24.09 3.99 30.92
C LYS B 124 -24.26 5.14 31.90
N ASN B 125 -23.18 5.46 32.61
CA ASN B 125 -23.20 6.55 33.58
C ASN B 125 -22.89 7.89 32.90
N VAL B 126 -23.94 8.62 32.56
CA VAL B 126 -23.77 9.90 31.86
C VAL B 126 -24.20 11.09 32.71
N SER B 127 -23.45 12.18 32.60
CA SER B 127 -23.78 13.41 33.31
C SER B 127 -23.65 14.61 32.40
N SER B 128 -24.09 15.77 32.88
CA SER B 128 -24.06 17.00 32.10
C SER B 128 -23.20 18.07 32.79
N VAL B 129 -22.26 18.64 32.04
CA VAL B 129 -21.41 19.70 32.57
C VAL B 129 -21.33 20.86 31.58
N GLN B 130 -21.02 22.06 32.07
CA GLN B 130 -20.91 23.22 31.20
C GLN B 130 -19.48 23.44 30.70
N CYS B 131 -18.52 22.71 31.26
CA CYS B 131 -17.13 22.87 30.90
C CYS B 131 -16.35 21.58 31.14
N THR B 132 -15.40 21.30 30.27
CA THR B 132 -14.46 20.21 30.50
C THR B 132 -13.67 20.48 31.77
N HIS B 133 -12.94 19.48 32.24
CA HIS B 133 -11.95 19.71 33.28
C HIS B 133 -10.81 20.52 32.67
N GLY B 134 -9.92 21.05 33.49
CA GLY B 134 -8.81 21.83 32.97
C GLY B 134 -7.82 20.96 32.24
N ILE B 135 -7.60 21.24 30.95
CA ILE B 135 -6.69 20.45 30.13
C ILE B 135 -5.49 21.26 29.66
N LYS B 136 -4.30 20.73 29.87
CA LYS B 136 -3.08 21.44 29.50
C LYS B 136 -2.67 21.05 28.08
N PRO B 137 -2.42 22.05 27.23
CA PRO B 137 -2.03 21.82 25.83
C PRO B 137 -0.56 21.47 25.70
N VAL B 138 -0.16 20.32 26.23
CA VAL B 138 1.22 19.88 26.19
C VAL B 138 1.54 19.18 24.86
N VAL B 139 2.49 19.74 24.12
CA VAL B 139 2.87 19.18 22.83
C VAL B 139 4.06 18.24 22.95
N SER B 140 3.83 16.97 22.62
CA SER B 140 4.88 15.97 22.68
C SER B 140 4.56 14.78 21.79
N THR B 141 5.57 13.94 21.54
CA THR B 141 5.41 12.75 20.74
C THR B 141 5.75 11.49 21.55
N GLN B 142 5.25 10.36 21.09
CA GLN B 142 5.51 9.05 21.70
C GLN B 142 4.96 8.91 23.13
N LEU B 143 5.40 9.78 24.04
CA LEU B 143 4.87 9.78 25.40
C LEU B 143 3.88 10.94 25.58
N LEU B 144 2.73 10.64 26.18
CA LEU B 144 1.80 11.71 26.54
C LEU B 144 2.12 12.15 27.95
N LEU B 145 2.41 13.44 28.09
CA LEU B 145 2.93 14.01 29.34
C LEU B 145 1.92 14.86 30.08
N ASN B 146 1.87 14.70 31.40
CA ASN B 146 1.10 15.59 32.27
C ASN B 146 -0.41 15.61 31.99
N GLY B 147 -0.96 14.47 31.59
CA GLY B 147 -2.40 14.37 31.35
C GLY B 147 -3.14 13.73 32.51
N SER B 148 -4.45 13.53 32.33
CA SER B 148 -5.24 12.79 33.29
C SER B 148 -4.94 11.29 33.18
N LEU B 149 -5.40 10.52 34.16
CA LEU B 149 -5.13 9.08 34.19
C LEU B 149 -6.39 8.24 34.15
N ALA B 150 -6.26 7.00 33.72
CA ALA B 150 -7.36 6.06 33.75
C ALA B 150 -7.81 5.88 35.20
N GLU B 151 -9.12 5.92 35.41
CA GLU B 151 -9.67 5.86 36.77
C GLU B 151 -9.79 4.43 37.30
N GLU B 152 -9.65 3.46 36.41
CA GLU B 152 -9.76 2.06 36.80
C GLU B 152 -8.47 1.31 36.50
N GLU B 153 -8.35 0.83 35.27
CA GLU B 153 -7.15 0.11 34.85
C GLU B 153 -6.77 0.49 33.42
N ILE B 154 -5.54 0.17 33.03
CA ILE B 154 -5.01 0.61 31.75
C ILE B 154 -5.98 0.39 30.59
N ILE B 155 -6.10 1.38 29.71
CA ILE B 155 -7.08 1.34 28.63
C ILE B 155 -6.44 1.57 27.28
N ILE B 156 -6.75 0.68 26.33
CA ILE B 156 -6.24 0.79 24.98
C ILE B 156 -7.27 1.49 24.09
N ARG B 157 -6.85 2.59 23.48
CA ARG B 157 -7.77 3.40 22.67
C ARG B 157 -7.41 3.36 21.19
N SER B 158 -8.42 3.13 20.35
CA SER B 158 -8.22 3.07 18.91
C SER B 158 -9.53 3.09 18.14
N GLU B 159 -9.56 3.83 17.05
CA GLU B 159 -10.73 3.87 16.19
C GLU B 159 -11.04 2.45 15.68
N ASN B 160 -9.99 1.64 15.53
CA ASN B 160 -10.14 0.26 15.11
C ASN B 160 -8.83 -0.52 15.17
N LEU B 161 -8.63 -1.26 16.25
CA LEU B 161 -7.38 -1.99 16.49
C LEU B 161 -6.90 -2.89 15.35
N THR B 162 -7.81 -3.30 14.48
CA THR B 162 -7.44 -4.20 13.40
C THR B 162 -6.95 -3.42 12.19
N ASN B 163 -7.06 -2.10 12.27
CA ASN B 163 -6.63 -1.22 11.19
C ASN B 163 -5.31 -0.52 11.51
N ASN B 164 -4.25 -0.96 10.85
CA ASN B 164 -2.90 -0.55 11.20
C ASN B 164 -2.60 0.93 10.92
N ALA B 165 -3.47 1.58 10.16
CA ALA B 165 -3.28 2.99 9.86
C ALA B 165 -3.99 3.88 10.88
N LYS B 166 -4.62 3.26 11.87
CA LYS B 166 -5.29 3.99 12.93
C LYS B 166 -4.42 4.09 14.17
N THR B 167 -4.39 5.27 14.77
CA THR B 167 -3.56 5.54 15.93
C THR B 167 -4.03 4.75 17.15
N ILE B 168 -3.07 4.17 17.87
CA ILE B 168 -3.36 3.55 19.15
C ILE B 168 -2.91 4.45 20.31
N ILE B 169 -3.81 4.70 21.25
CA ILE B 169 -3.50 5.47 22.44
C ILE B 169 -3.62 4.60 23.67
N VAL B 170 -2.52 4.47 24.43
CA VAL B 170 -2.56 3.78 25.70
C VAL B 170 -2.80 4.79 26.81
N HIS B 171 -3.66 4.45 27.76
CA HIS B 171 -3.96 5.36 28.86
C HIS B 171 -3.58 4.72 30.20
N LEU B 172 -2.42 5.08 30.70
CA LEU B 172 -1.93 4.55 31.98
C LEU B 172 -2.91 4.83 33.12
N ASN B 173 -2.93 3.94 34.10
CA ASN B 173 -3.77 4.12 35.29
C ASN B 173 -2.91 4.56 36.47
N LYS B 174 -1.64 4.80 36.19
CA LYS B 174 -0.66 5.19 37.21
C LYS B 174 0.53 5.84 36.53
N SER B 175 0.65 7.16 36.67
CA SER B 175 1.69 7.91 35.97
C SER B 175 3.10 7.51 36.41
N VAL B 176 4.06 7.79 35.55
CA VAL B 176 5.47 7.52 35.83
C VAL B 176 6.27 8.76 35.50
N GLU B 177 7.04 9.24 36.47
CA GLU B 177 7.82 10.45 36.26
C GLU B 177 8.96 10.22 35.30
N ILE B 178 9.20 11.20 34.44
CA ILE B 178 10.37 11.21 33.58
C ILE B 178 11.17 12.48 33.85
N ASN B 179 12.32 12.28 34.48
CA ASN B 179 13.17 13.38 34.94
C ASN B 179 14.17 13.78 33.87
N CYS B 180 13.99 14.95 33.28
CA CYS B 180 14.86 15.40 32.20
C CYS B 180 15.74 16.57 32.60
N THR B 181 17.04 16.42 32.36
CA THR B 181 18.01 17.42 32.76
C THR B 181 19.01 17.69 31.65
N ARG B 182 19.43 18.94 31.54
CA ARG B 182 20.58 19.29 30.73
C ARG B 182 21.53 20.16 31.55
N PRO B 183 22.65 19.58 31.99
CA PRO B 183 23.63 20.24 32.86
C PRO B 183 24.14 21.54 32.24
N SER B 184 24.75 22.39 33.07
CA SER B 184 25.23 23.68 32.61
C SER B 184 26.71 23.65 32.22
N ASN B 185 27.23 24.81 31.86
CA ASN B 185 28.65 24.99 31.52
C ASN B 185 28.98 24.61 30.08
N ASP B 193 30.00 20.17 24.97
CA ASP B 193 28.77 20.14 24.17
C ASP B 193 27.57 20.51 25.02
N ILE B 194 27.13 21.77 24.91
CA ILE B 194 25.97 22.25 25.65
C ILE B 194 24.65 21.72 25.08
N ARG B 195 24.72 20.63 24.33
CA ARG B 195 23.52 19.99 23.79
C ARG B 195 23.25 18.66 24.47
N LYS B 196 24.27 18.11 25.12
CA LYS B 196 24.15 16.81 25.79
C LYS B 196 23.13 16.83 26.93
N ALA B 197 21.96 16.24 26.68
CA ALA B 197 20.93 16.17 27.71
C ALA B 197 20.54 14.71 27.93
N TYR B 198 19.90 14.43 29.06
CA TYR B 198 19.44 13.08 29.37
C TYR B 198 18.14 13.09 30.15
N CYS B 199 17.47 11.94 30.18
CA CYS B 199 16.25 11.79 30.95
C CYS B 199 16.39 10.58 31.85
N GLU B 200 15.70 10.59 32.98
CA GLU B 200 15.76 9.48 33.91
C GLU B 200 14.37 8.95 34.27
N ILE B 201 14.25 7.63 34.34
CA ILE B 201 13.01 6.97 34.71
C ILE B 201 13.34 5.78 35.61
N ASN B 202 12.49 5.52 36.60
CA ASN B 202 12.67 4.36 37.45
C ASN B 202 12.33 3.08 36.70
N GLY B 203 13.35 2.28 36.39
CA GLY B 203 13.17 1.04 35.66
C GLY B 203 12.12 0.13 36.26
N THR B 204 12.13 0.02 37.58
CA THR B 204 11.16 -0.84 38.27
C THR B 204 9.73 -0.40 37.99
N LYS B 205 9.43 0.86 38.29
CA LYS B 205 8.10 1.40 38.04
C LYS B 205 7.72 1.29 36.58
N TRP B 206 8.61 1.71 35.69
CA TRP B 206 8.34 1.70 34.26
C TRP B 206 8.04 0.29 33.74
N ASN B 207 9.02 -0.60 33.85
CA ASN B 207 8.87 -1.96 33.35
C ASN B 207 7.62 -2.64 33.87
N LYS B 208 7.31 -2.41 35.14
CA LYS B 208 6.07 -2.92 35.73
C LYS B 208 4.87 -2.44 34.93
N VAL B 209 4.87 -1.16 34.59
CA VAL B 209 3.78 -0.58 33.80
C VAL B 209 3.76 -1.14 32.38
N LEU B 210 4.91 -1.62 31.91
CA LEU B 210 4.98 -2.24 30.60
C LEU B 210 4.32 -3.62 30.61
N LYS B 211 4.69 -4.44 31.58
CA LYS B 211 4.04 -5.74 31.76
C LYS B 211 2.53 -5.56 31.64
N GLN B 212 2.01 -4.57 32.37
CA GLN B 212 0.57 -4.35 32.46
C GLN B 212 -0.04 -3.91 31.13
N VAL B 213 0.62 -3.01 30.43
CA VAL B 213 0.09 -2.51 29.17
C VAL B 213 0.12 -3.58 28.09
N THR B 214 1.23 -4.32 28.02
CA THR B 214 1.35 -5.40 27.05
C THR B 214 0.37 -6.51 27.36
N GLU B 215 0.11 -6.72 28.65
CA GLU B 215 -0.85 -7.72 29.08
C GLU B 215 -2.25 -7.29 28.67
N LYS B 216 -2.47 -5.99 28.67
CA LYS B 216 -3.74 -5.43 28.23
C LYS B 216 -3.80 -5.49 26.71
N LEU B 217 -2.65 -5.24 26.08
CA LEU B 217 -2.54 -5.28 24.63
C LEU B 217 -2.76 -6.69 24.13
N LYS B 218 -2.12 -7.65 24.79
CA LYS B 218 -2.30 -9.06 24.45
C LYS B 218 -3.77 -9.44 24.53
N GLU B 219 -4.48 -8.86 25.49
CA GLU B 219 -5.90 -9.14 25.68
C GLU B 219 -6.72 -8.76 24.45
N HIS B 220 -6.28 -7.74 23.73
CA HIS B 220 -7.03 -7.25 22.57
C HIS B 220 -6.51 -7.79 21.24
N PHE B 221 -5.64 -8.79 21.31
CA PHE B 221 -5.13 -9.44 20.11
C PHE B 221 -5.11 -10.95 20.25
N ASN B 222 -6.22 -11.50 20.76
CA ASN B 222 -6.39 -12.94 20.88
C ASN B 222 -5.17 -13.67 21.43
N ASN B 223 -4.56 -13.08 22.45
CA ASN B 223 -3.41 -13.70 23.10
C ASN B 223 -2.28 -14.05 22.13
N LYS B 224 -1.73 -13.04 21.48
CA LYS B 224 -0.54 -13.24 20.66
C LYS B 224 0.62 -12.51 21.32
N THR B 225 1.84 -12.99 21.12
CA THR B 225 3.00 -12.39 21.76
C THR B 225 3.17 -10.93 21.34
N ILE B 226 3.25 -10.05 22.33
CA ILE B 226 3.42 -8.62 22.05
C ILE B 226 4.89 -8.22 22.18
N ILE B 227 5.44 -7.66 21.10
CA ILE B 227 6.83 -7.21 21.14
C ILE B 227 6.94 -5.77 20.66
N PHE B 228 7.85 -5.02 21.28
CA PHE B 228 8.11 -3.64 20.90
C PHE B 228 9.36 -3.50 20.04
N GLN B 229 9.34 -2.53 19.14
CA GLN B 229 10.49 -2.20 18.31
C GLN B 229 10.60 -0.69 18.15
N PRO B 230 11.81 -0.19 17.87
CA PRO B 230 11.97 1.25 17.60
C PRO B 230 11.27 1.64 16.30
N PRO B 231 11.02 2.94 16.09
CA PRO B 231 10.34 3.40 14.87
C PRO B 231 11.08 2.96 13.61
N SER B 232 10.36 2.78 12.51
CA SER B 232 10.95 2.28 11.27
C SER B 232 11.53 3.39 10.39
N GLY B 233 11.22 4.64 10.72
CA GLY B 233 11.71 5.75 9.92
C GLY B 233 11.00 7.06 10.21
N GLY B 234 11.31 8.09 9.43
CA GLY B 234 10.65 9.37 9.58
C GLY B 234 11.50 10.39 10.32
N ASP B 235 11.02 11.62 10.38
CA ASP B 235 11.73 12.73 11.01
C ASP B 235 12.05 12.48 12.49
N LEU B 236 13.07 13.17 13.00
CA LEU B 236 13.46 13.03 14.40
C LEU B 236 12.32 13.35 15.37
N GLU B 237 11.44 14.28 15.00
CA GLU B 237 10.27 14.57 15.82
C GLU B 237 9.42 13.31 16.00
N ILE B 238 9.55 12.38 15.07
CA ILE B 238 8.73 11.18 15.06
C ILE B 238 9.46 9.98 15.64
N THR B 239 10.74 9.85 15.32
CA THR B 239 11.50 8.69 15.76
C THR B 239 12.01 8.85 17.18
N MET B 240 11.78 10.03 17.75
CA MET B 240 12.25 10.32 19.10
C MET B 240 11.16 10.93 19.96
N HIS B 241 11.28 10.77 21.28
CA HIS B 241 10.41 11.49 22.20
C HIS B 241 10.78 12.95 22.18
N HIS B 242 9.81 13.78 21.80
CA HIS B 242 10.05 15.18 21.50
C HIS B 242 9.12 16.03 22.35
N PHE B 243 9.67 17.08 22.96
CA PHE B 243 8.88 17.97 23.82
C PHE B 243 9.60 19.27 24.15
N ASN B 244 8.86 20.23 24.70
CA ASN B 244 9.41 21.54 24.98
C ASN B 244 9.59 21.77 26.47
N CYS B 245 10.84 21.97 26.88
CA CYS B 245 11.14 22.17 28.29
C CYS B 245 11.86 23.49 28.49
N ARG B 246 11.25 24.35 29.29
CA ARG B 246 11.77 25.68 29.59
C ARG B 246 12.23 26.42 28.34
N GLY B 247 11.48 26.25 27.25
CA GLY B 247 11.73 26.97 26.02
C GLY B 247 12.73 26.28 25.11
N GLU B 248 13.26 25.15 25.58
CA GLU B 248 14.19 24.37 24.78
C GLU B 248 13.47 23.16 24.18
N PHE B 249 13.90 22.74 23.00
CA PHE B 249 13.30 21.58 22.36
C PHE B 249 14.14 20.34 22.56
N PHE B 250 13.66 19.45 23.41
CA PHE B 250 14.34 18.18 23.69
C PHE B 250 13.98 17.13 22.66
N TYR B 251 14.90 16.19 22.44
CA TYR B 251 14.71 15.07 21.53
C TYR B 251 15.36 13.84 22.15
N CYS B 252 14.55 12.98 22.77
CA CYS B 252 15.09 11.84 23.51
C CYS B 252 14.89 10.46 22.87
N ASN B 253 15.98 9.69 22.85
CA ASN B 253 16.03 8.34 22.34
C ASN B 253 15.30 7.40 23.28
N THR B 254 14.27 6.71 22.78
CA THR B 254 13.43 5.88 23.65
C THR B 254 13.68 4.37 23.55
N THR B 255 14.71 3.98 22.81
CA THR B 255 15.02 2.56 22.66
C THR B 255 14.96 1.80 23.99
N GLN B 256 15.52 2.39 25.04
CA GLN B 256 15.65 1.71 26.33
C GLN B 256 14.34 1.46 27.08
N LEU B 257 13.38 2.38 26.96
CA LEU B 257 12.11 2.22 27.67
C LEU B 257 11.39 0.96 27.21
N PHE B 258 11.43 0.71 25.91
CA PHE B 258 10.74 -0.44 25.33
C PHE B 258 11.70 -1.61 25.14
N ASN B 259 12.24 -2.08 26.26
CA ASN B 259 13.17 -3.21 26.28
C ASN B 259 12.42 -4.52 26.55
N ASN B 260 12.29 -5.35 25.52
CA ASN B 260 11.54 -6.60 25.65
C ASN B 260 12.04 -7.50 26.78
N THR B 261 13.35 -7.67 26.86
CA THR B 261 13.94 -8.59 27.85
C THR B 261 13.56 -8.22 29.28
N CYS B 262 13.43 -6.92 29.53
CA CYS B 262 13.11 -6.43 30.86
C CYS B 262 11.63 -6.60 31.18
N ILE B 263 10.90 -7.25 30.28
CA ILE B 263 9.47 -7.49 30.47
C ILE B 263 9.22 -8.93 30.86
N GLY B 270 18.12 -8.61 35.88
CA GLY B 270 18.10 -7.27 36.44
C GLY B 270 16.95 -6.44 35.92
N CYS B 271 17.26 -5.27 35.38
CA CYS B 271 16.26 -4.35 34.81
C CYS B 271 15.44 -3.61 35.86
N ASN B 272 15.99 -3.48 37.06
CA ASN B 272 15.28 -2.85 38.18
C ASN B 272 15.71 -1.42 38.47
N GLY B 273 16.96 -1.09 38.14
CA GLY B 273 17.52 0.21 38.46
C GLY B 273 16.96 1.36 37.63
N THR B 274 17.72 2.44 37.55
CA THR B 274 17.29 3.63 36.81
C THR B 274 17.83 3.62 35.38
N ILE B 275 16.94 3.71 34.41
CA ILE B 275 17.34 3.83 33.01
C ILE B 275 17.37 5.31 32.60
N THR B 276 18.41 5.69 31.88
CA THR B 276 18.56 7.08 31.48
C THR B 276 18.67 7.23 29.96
N LEU B 277 17.76 8.01 29.39
CA LEU B 277 17.71 8.26 27.96
C LEU B 277 18.67 9.37 27.55
N PRO B 278 19.41 9.15 26.45
CA PRO B 278 20.21 10.23 25.86
C PRO B 278 19.32 11.13 25.01
N CYS B 279 19.30 12.43 25.32
CA CYS B 279 18.52 13.37 24.53
C CYS B 279 19.45 14.40 23.91
N LYS B 280 19.00 15.04 22.83
CA LYS B 280 19.72 16.18 22.29
C LYS B 280 18.78 17.37 22.13
N ILE B 281 19.31 18.57 22.35
CA ILE B 281 18.54 19.79 22.15
C ILE B 281 18.86 20.39 20.78
N LYS B 282 17.82 20.68 20.01
CA LYS B 282 17.98 21.21 18.67
C LYS B 282 17.45 22.64 18.56
N GLN B 283 18.09 23.44 17.71
CA GLN B 283 17.63 24.80 17.45
C GLN B 283 16.84 24.88 16.14
N ILE B 284 17.09 23.93 15.25
CA ILE B 284 16.35 23.84 14.00
C ILE B 284 15.39 22.66 14.06
N ILE B 285 14.10 22.93 13.93
CA ILE B 285 13.08 21.90 14.11
C ILE B 285 12.03 21.92 13.00
N ASN B 286 11.39 20.78 12.76
CA ASN B 286 10.26 20.72 11.82
C ASN B 286 8.99 21.11 12.54
N MET B 287 8.40 22.24 12.14
CA MET B 287 7.22 22.77 12.81
C MET B 287 6.05 21.79 12.74
N TRP B 288 5.33 21.63 13.85
CA TRP B 288 4.16 20.75 13.88
C TRP B 288 2.92 21.43 13.32
N GLN B 289 2.82 22.74 13.49
CA GLN B 289 1.63 23.49 13.09
C GLN B 289 1.35 23.34 11.60
N GLY B 290 2.35 22.93 10.83
CA GLY B 290 2.18 22.82 9.40
C GLY B 290 3.42 22.29 8.72
N THR B 291 3.97 23.09 7.81
CA THR B 291 5.13 22.67 7.04
C THR B 291 6.25 23.71 7.12
N GLY B 292 7.48 23.22 7.12
CA GLY B 292 8.63 24.10 7.16
C GLY B 292 9.44 23.99 8.43
N GLN B 293 10.69 24.38 8.36
CA GLN B 293 11.58 24.34 9.50
C GLN B 293 11.64 25.69 10.19
N ALA B 294 11.60 25.67 11.52
CA ALA B 294 11.78 26.88 12.32
C ALA B 294 13.14 26.85 13.01
N MET B 295 13.75 28.02 13.14
CA MET B 295 15.06 28.15 13.79
C MET B 295 14.98 28.96 15.07
N TYR B 296 15.24 28.30 16.19
CA TYR B 296 15.30 28.99 17.48
C TYR B 296 16.74 29.33 17.87
N ALA B 297 16.90 30.21 18.85
CA ALA B 297 18.23 30.68 19.27
C ALA B 297 19.04 29.62 20.01
N PRO B 298 20.37 29.85 20.13
CA PRO B 298 21.27 28.95 20.87
C PRO B 298 20.81 28.71 22.31
N PRO B 299 21.18 27.55 22.87
CA PRO B 299 20.81 27.19 24.25
C PRO B 299 21.37 28.16 25.28
N ILE B 300 20.49 28.69 26.12
CA ILE B 300 20.92 29.55 27.22
C ILE B 300 21.84 28.75 28.13
N ASP B 301 22.68 29.46 28.89
CA ASP B 301 23.55 28.80 29.85
C ASP B 301 22.75 28.44 31.09
N GLY B 302 23.21 27.43 31.82
CA GLY B 302 22.55 27.05 33.06
C GLY B 302 21.87 25.70 32.99
N LYS B 303 21.72 25.07 34.15
CA LYS B 303 21.07 23.77 34.26
C LYS B 303 19.59 23.91 33.91
N ILE B 304 19.11 23.01 33.05
CA ILE B 304 17.71 23.01 32.64
C ILE B 304 17.09 21.66 33.00
N ASN B 305 16.00 21.69 33.76
CA ASN B 305 15.43 20.45 34.28
C ASN B 305 13.90 20.43 34.33
N CYS B 306 13.31 19.54 33.54
CA CYS B 306 11.86 19.34 33.57
C CYS B 306 11.51 17.95 34.09
N VAL B 307 10.61 17.91 35.08
CA VAL B 307 10.10 16.64 35.58
C VAL B 307 8.64 16.51 35.21
N SER B 308 8.32 15.54 34.36
CA SER B 308 6.97 15.39 33.85
C SER B 308 6.38 14.04 34.21
N ASN B 309 5.06 13.93 34.13
CA ASN B 309 4.37 12.67 34.39
C ASN B 309 3.89 12.02 33.10
N ILE B 310 4.44 10.85 32.79
CA ILE B 310 3.96 10.06 31.66
C ILE B 310 2.59 9.50 32.01
N THR B 311 1.58 9.83 31.22
CA THR B 311 0.21 9.40 31.52
C THR B 311 -0.40 8.59 30.38
N GLY B 312 0.29 8.54 29.25
CA GLY B 312 -0.20 7.81 28.09
C GLY B 312 0.88 7.53 27.07
N ILE B 313 0.63 6.57 26.18
CA ILE B 313 1.58 6.21 25.14
C ILE B 313 0.93 6.14 23.76
N LEU B 314 1.67 6.56 22.73
CA LEU B 314 1.20 6.50 21.36
C LEU B 314 1.92 5.37 20.61
N LEU B 315 1.14 4.47 20.01
CA LEU B 315 1.72 3.30 19.35
C LEU B 315 1.19 3.10 17.93
N THR B 316 2.03 2.52 17.08
CA THR B 316 1.63 2.12 15.74
C THR B 316 1.89 0.63 15.57
N ARG B 317 0.87 -0.12 15.18
CA ARG B 317 1.01 -1.56 14.97
C ARG B 317 1.55 -1.90 13.58
N ASP B 318 2.53 -2.79 13.53
CA ASP B 318 3.06 -3.27 12.25
C ASP B 318 1.97 -3.98 11.46
N GLY B 319 1.95 -3.73 10.15
CA GLY B 319 0.95 -4.34 9.28
C GLY B 319 1.52 -5.38 8.33
N GLY B 320 0.63 -6.17 7.73
CA GLY B 320 1.00 -7.18 6.76
C GLY B 320 1.51 -8.47 7.38
N ALA B 321 0.86 -8.94 8.43
CA ALA B 321 1.35 -10.07 9.21
C ALA B 321 0.99 -11.44 8.64
N ASN B 322 -0.30 -11.75 8.61
CA ASN B 322 -0.77 -13.09 8.25
C ASN B 322 -0.17 -14.15 9.15
N ASN B 323 0.86 -14.84 8.66
CA ASN B 323 1.61 -15.80 9.48
C ASN B 323 2.04 -15.14 10.79
N THR B 324 2.17 -15.94 11.84
CA THR B 324 2.44 -15.44 13.19
C THR B 324 1.16 -14.84 13.76
N SER B 325 0.90 -14.90 15.07
CA SER B 325 1.74 -15.43 16.16
C SER B 325 2.47 -14.32 16.93
N ASN B 326 2.67 -13.19 16.26
CA ASN B 326 3.29 -12.02 16.87
C ASN B 326 2.61 -10.74 16.40
N GLU B 327 2.50 -9.77 17.30
CA GLU B 327 2.08 -8.42 16.91
C GLU B 327 3.16 -7.44 17.36
N THR B 328 3.63 -6.61 16.44
CA THR B 328 4.75 -5.72 16.73
C THR B 328 4.31 -4.26 16.83
N PHE B 329 4.61 -3.63 17.96
CA PHE B 329 4.24 -2.25 18.20
C PHE B 329 5.46 -1.33 18.31
N ARG B 330 5.34 -0.14 17.74
CA ARG B 330 6.41 0.83 17.78
C ARG B 330 5.89 2.16 18.34
N PRO B 331 6.70 2.83 19.17
CA PRO B 331 6.36 4.07 19.88
C PRO B 331 6.09 5.22 18.91
N GLY B 332 5.03 5.97 19.15
CA GLY B 332 4.57 6.96 18.21
C GLY B 332 3.71 6.29 17.17
N GLY B 333 3.08 7.09 16.30
CA GLY B 333 3.23 8.52 16.37
C GLY B 333 1.90 9.21 16.26
N GLY B 334 1.00 8.63 15.45
CA GLY B 334 -0.29 9.23 15.20
C GLY B 334 -0.14 10.69 14.77
N ASN B 335 -0.81 11.56 15.51
CA ASN B 335 -0.92 12.97 15.13
C ASN B 335 -1.11 13.85 16.36
N ILE B 336 -0.67 15.11 16.27
CA ILE B 336 -0.74 16.01 17.42
C ILE B 336 -2.17 16.19 17.95
N LYS B 337 -3.15 16.21 17.05
CA LYS B 337 -4.55 16.28 17.46
C LYS B 337 -4.91 15.13 18.39
N ASP B 338 -4.15 14.03 18.30
CA ASP B 338 -4.38 12.88 19.16
C ASP B 338 -4.12 13.15 20.63
N ASN B 339 -3.20 14.07 20.91
CA ASN B 339 -2.94 14.49 22.29
C ASN B 339 -4.20 15.09 22.90
N TRP B 340 -4.86 15.94 22.15
CA TRP B 340 -6.11 16.53 22.62
C TRP B 340 -7.19 15.43 22.76
N ARG B 341 -7.27 14.54 21.77
CA ARG B 341 -8.21 13.42 21.85
C ARG B 341 -8.00 12.60 23.13
N SER B 342 -6.75 12.36 23.49
CA SER B 342 -6.42 11.62 24.71
C SER B 342 -6.98 12.29 25.96
N GLU B 343 -7.46 13.52 25.84
CA GLU B 343 -8.04 14.23 26.98
C GLU B 343 -9.51 14.57 26.76
N LEU B 344 -9.89 14.81 25.52
CA LEU B 344 -11.27 15.17 25.19
C LEU B 344 -12.17 13.93 25.02
N TYR B 345 -11.57 12.75 25.06
CA TYR B 345 -12.28 11.52 24.72
C TYR B 345 -13.65 11.39 25.39
N LYS B 346 -13.74 11.80 26.65
CA LYS B 346 -14.95 11.55 27.44
C LYS B 346 -16.03 12.62 27.30
N TYR B 347 -15.80 13.60 26.42
CA TYR B 347 -16.77 14.69 26.27
C TYR B 347 -17.36 14.74 24.87
N LYS B 348 -18.56 15.31 24.77
CA LYS B 348 -19.16 15.59 23.47
C LYS B 348 -20.16 16.73 23.56
N VAL B 349 -20.22 17.55 22.52
CA VAL B 349 -21.18 18.65 22.49
C VAL B 349 -22.51 18.20 21.90
N VAL B 350 -23.60 18.52 22.60
CA VAL B 350 -24.94 18.29 22.05
C VAL B 350 -25.74 19.58 22.15
N GLN B 351 -26.76 19.71 21.29
CA GLN B 351 -27.59 20.90 21.27
C GLN B 351 -28.98 20.61 21.83
N ILE B 352 -29.52 21.55 22.59
CA ILE B 352 -30.85 21.39 23.15
C ILE B 352 -31.89 21.46 22.03
N GLU B 353 -32.85 20.54 22.08
CA GLU B 353 -33.83 20.37 21.01
C GLU B 353 -33.17 19.79 19.76
N VAL C 3 -7.37 -15.29 6.12
CA VAL C 3 -6.95 -14.45 5.01
C VAL C 3 -8.13 -14.23 4.03
N LEU C 4 -7.81 -13.91 2.78
CA LEU C 4 -8.82 -13.68 1.76
C LEU C 4 -8.72 -14.73 0.65
N THR C 5 -9.72 -15.60 0.56
CA THR C 5 -9.73 -16.59 -0.50
C THR C 5 -10.75 -16.23 -1.58
N GLN C 6 -10.24 -15.99 -2.77
CA GLN C 6 -11.04 -15.49 -3.89
C GLN C 6 -11.23 -16.59 -4.94
N SER C 7 -12.46 -16.74 -5.43
CA SER C 7 -12.72 -17.72 -6.48
C SER C 7 -13.83 -17.23 -7.39
N PRO C 8 -13.89 -17.77 -8.62
CA PRO C 8 -12.92 -18.73 -9.14
C PRO C 8 -11.65 -18.07 -9.66
N ALA C 9 -10.62 -18.86 -9.93
CA ALA C 9 -9.37 -18.35 -10.49
C ALA C 9 -9.61 -17.64 -11.82
N THR C 10 -10.34 -18.30 -12.73
CA THR C 10 -10.60 -17.74 -14.04
C THR C 10 -12.09 -17.82 -14.40
N LEU C 11 -12.49 -17.04 -15.39
CA LEU C 11 -13.89 -16.92 -15.73
C LEU C 11 -14.05 -16.57 -17.21
N SER C 12 -14.50 -17.55 -18.01
CA SER C 12 -14.72 -17.33 -19.43
C SER C 12 -16.20 -17.09 -19.73
N LEU C 13 -16.53 -15.88 -20.12
CA LEU C 13 -17.92 -15.50 -20.37
C LEU C 13 -18.07 -14.67 -21.64
N SER C 14 -19.27 -14.69 -22.20
CA SER C 14 -19.59 -13.93 -23.41
C SER C 14 -20.11 -12.57 -23.03
N PRO C 15 -19.96 -11.58 -23.93
CA PRO C 15 -20.59 -10.27 -23.72
C PRO C 15 -22.08 -10.47 -23.52
N GLY C 16 -22.65 -9.83 -22.50
CA GLY C 16 -24.07 -9.98 -22.20
C GLY C 16 -24.31 -10.79 -20.95
N GLU C 17 -23.45 -11.78 -20.69
CA GLU C 17 -23.62 -12.63 -19.52
C GLU C 17 -23.29 -11.87 -18.24
N THR C 18 -23.45 -12.55 -17.11
CA THR C 18 -23.13 -11.96 -15.82
C THR C 18 -22.00 -12.73 -15.14
N ALA C 19 -21.03 -11.98 -14.61
CA ALA C 19 -19.91 -12.57 -13.91
C ALA C 19 -20.11 -12.50 -12.39
N ILE C 20 -19.90 -13.62 -11.71
CA ILE C 20 -19.99 -13.65 -10.26
C ILE C 20 -18.64 -14.05 -9.64
N ILE C 21 -17.92 -13.06 -9.13
CA ILE C 21 -16.65 -13.28 -8.46
C ILE C 21 -16.90 -13.37 -6.96
N SER C 22 -16.21 -14.29 -6.29
CA SER C 22 -16.44 -14.52 -4.87
C SER C 22 -15.20 -14.28 -4.03
N CYS C 23 -15.41 -13.91 -2.77
CA CYS C 23 -14.31 -13.65 -1.84
C CYS C 23 -14.72 -14.07 -0.45
N ARG C 24 -13.92 -14.96 0.17
CA ARG C 24 -14.19 -15.35 1.55
C ARG C 24 -13.22 -14.70 2.52
N THR C 25 -13.76 -14.01 3.52
CA THR C 25 -12.95 -13.35 4.54
C THR C 25 -13.01 -14.12 5.86
N SER C 26 -12.27 -13.64 6.84
CA SER C 26 -12.23 -14.25 8.16
C SER C 26 -12.17 -13.19 9.25
N GLN C 27 -12.00 -11.93 8.83
CA GLN C 27 -11.79 -10.84 9.78
C GLN C 27 -12.87 -9.77 9.66
N SER C 28 -13.28 -9.48 8.43
CA SER C 28 -14.33 -8.49 8.15
C SER C 28 -13.93 -7.02 8.40
N GLY C 29 -14.63 -6.13 7.71
CA GLY C 29 -14.29 -4.72 7.68
C GLY C 29 -14.32 -4.27 6.22
N SER C 30 -14.79 -3.06 5.97
CA SER C 30 -14.89 -2.49 4.63
C SER C 30 -14.15 -3.33 3.60
N LEU C 31 -14.90 -3.99 2.73
CA LEU C 31 -14.29 -4.78 1.65
C LEU C 31 -14.44 -4.06 0.31
N ALA C 32 -13.39 -4.10 -0.49
CA ALA C 32 -13.40 -3.38 -1.76
C ALA C 32 -13.03 -4.28 -2.93
N TRP C 33 -13.43 -3.87 -4.12
CA TRP C 33 -13.12 -4.61 -5.34
C TRP C 33 -12.39 -3.71 -6.36
N TYR C 34 -11.38 -4.26 -7.03
CA TYR C 34 -10.66 -3.54 -8.06
C TYR C 34 -10.74 -4.22 -9.43
N GLN C 35 -10.64 -3.42 -10.49
CA GLN C 35 -10.57 -3.95 -11.85
C GLN C 35 -9.28 -3.51 -12.52
N GLN C 36 -8.55 -4.47 -13.08
CA GLN C 36 -7.34 -4.15 -13.83
C GLN C 36 -7.46 -4.56 -15.29
N ARG C 37 -7.39 -3.57 -16.18
CA ARG C 37 -7.44 -3.82 -17.61
C ARG C 37 -6.02 -4.03 -18.15
N PRO C 38 -5.87 -4.93 -19.14
CA PRO C 38 -4.56 -5.28 -19.67
C PRO C 38 -3.65 -4.07 -19.90
N GLY C 39 -2.63 -3.92 -19.06
CA GLY C 39 -1.64 -2.90 -19.26
C GLY C 39 -1.97 -1.57 -18.60
N GLN C 40 -2.98 -1.58 -17.73
CA GLN C 40 -3.39 -0.36 -17.06
C GLN C 40 -3.39 -0.52 -15.55
N ALA C 41 -3.44 0.61 -14.84
CA ALA C 41 -3.55 0.59 -13.40
C ALA C 41 -4.95 0.15 -12.99
N PRO C 42 -5.04 -0.64 -11.90
CA PRO C 42 -6.31 -1.06 -11.30
C PRO C 42 -7.21 0.14 -11.03
N ARG C 43 -8.52 -0.08 -11.10
CA ARG C 43 -9.48 0.95 -10.74
C ARG C 43 -10.37 0.48 -9.60
N LEU C 44 -10.51 1.30 -8.57
CA LEU C 44 -11.47 1.02 -7.51
C LEU C 44 -12.86 0.88 -8.15
N VAL C 45 -13.55 -0.20 -7.81
CA VAL C 45 -14.87 -0.46 -8.37
C VAL C 45 -15.94 -0.38 -7.30
N ILE C 46 -15.65 -0.98 -6.15
CA ILE C 46 -16.60 -1.01 -5.05
C ILE C 46 -15.89 -1.00 -3.69
N TYR C 47 -16.49 -0.35 -2.71
CA TYR C 47 -15.96 -0.39 -1.34
C TYR C 47 -17.10 -0.55 -0.34
N SER C 48 -16.76 -0.96 0.87
CA SER C 48 -17.76 -1.27 1.90
C SER C 48 -18.57 -2.50 1.49
N GLY C 49 -18.02 -3.25 0.54
CA GLY C 49 -18.65 -4.48 0.08
C GLY C 49 -19.84 -4.26 -0.84
N SER C 50 -20.45 -3.09 -0.77
CA SER C 50 -21.72 -2.87 -1.48
C SER C 50 -21.85 -1.51 -2.17
N THR C 51 -20.82 -0.67 -2.06
CA THR C 51 -20.94 0.70 -2.54
C THR C 51 -20.11 0.98 -3.78
N ARG C 52 -20.75 1.49 -4.81
CA ARG C 52 -20.07 1.82 -6.07
C ARG C 52 -19.23 3.10 -5.97
N ALA C 53 -18.13 3.13 -6.72
CA ALA C 53 -17.29 4.31 -6.79
C ALA C 53 -17.77 5.23 -7.91
N ALA C 54 -17.10 6.35 -8.10
CA ALA C 54 -17.49 7.32 -9.13
C ALA C 54 -17.29 6.78 -10.54
N GLY C 55 -18.31 6.90 -11.37
CA GLY C 55 -18.24 6.46 -12.75
C GLY C 55 -18.51 4.99 -12.93
N ILE C 56 -18.74 4.29 -11.82
CA ILE C 56 -19.13 2.89 -11.88
C ILE C 56 -20.65 2.78 -12.07
N PRO C 57 -21.08 2.11 -13.14
CA PRO C 57 -22.50 2.01 -13.51
C PRO C 57 -23.24 0.96 -12.69
N ASP C 58 -24.58 0.95 -12.79
CA ASP C 58 -25.41 0.01 -12.02
C ASP C 58 -25.05 -1.46 -12.27
N ARG C 59 -24.45 -1.73 -13.43
CA ARG C 59 -24.11 -3.08 -13.84
C ARG C 59 -23.24 -3.80 -12.80
N PHE C 60 -22.36 -3.05 -12.14
CA PHE C 60 -21.53 -3.60 -11.08
C PHE C 60 -22.27 -3.54 -9.74
N SER C 61 -22.33 -4.67 -9.04
CA SER C 61 -22.97 -4.71 -7.73
C SER C 61 -22.29 -5.74 -6.83
N GLY C 62 -22.27 -5.45 -5.53
CA GLY C 62 -21.69 -6.37 -4.57
C GLY C 62 -22.70 -6.77 -3.52
N SER C 63 -22.48 -7.95 -2.92
CA SER C 63 -23.39 -8.44 -1.90
C SER C 63 -22.61 -9.25 -0.87
N ARG C 64 -23.26 -9.57 0.25
CA ARG C 64 -22.57 -10.23 1.35
C ARG C 64 -23.46 -11.26 2.05
N TRP C 65 -22.84 -12.33 2.52
CA TRP C 65 -23.50 -13.30 3.38
C TRP C 65 -22.48 -13.87 4.36
N GLY C 66 -22.54 -13.42 5.61
CA GLY C 66 -21.57 -13.83 6.60
C GLY C 66 -20.17 -13.45 6.16
N ALA C 67 -19.31 -14.45 6.01
CA ALA C 67 -17.92 -14.19 5.64
C ALA C 67 -17.77 -14.02 4.13
N ASP C 68 -18.79 -14.47 3.39
CA ASP C 68 -18.73 -14.52 1.94
C ASP C 68 -19.13 -13.19 1.28
N TYR C 69 -18.37 -12.81 0.26
CA TYR C 69 -18.60 -11.56 -0.45
C TYR C 69 -18.63 -11.80 -1.94
N ASN C 70 -19.62 -11.23 -2.61
CA ASN C 70 -19.72 -11.37 -4.05
C ASN C 70 -19.70 -10.05 -4.80
N LEU C 71 -18.93 -10.01 -5.88
CA LEU C 71 -19.01 -8.92 -6.86
C LEU C 71 -19.69 -9.49 -8.10
N SER C 72 -20.71 -8.79 -8.57
CA SER C 72 -21.52 -9.25 -9.70
C SER C 72 -21.49 -8.24 -10.84
N ILE C 73 -21.08 -8.69 -12.02
CA ILE C 73 -21.05 -7.82 -13.20
C ILE C 73 -22.00 -8.31 -14.26
N SER C 74 -23.10 -7.57 -14.48
CA SER C 74 -24.10 -8.00 -15.45
C SER C 74 -23.94 -7.35 -16.82
N ASN C 75 -24.41 -8.05 -17.85
CA ASN C 75 -24.36 -7.55 -19.23
C ASN C 75 -22.93 -7.18 -19.65
N LEU C 76 -22.02 -8.14 -19.52
CA LEU C 76 -20.61 -7.91 -19.80
C LEU C 76 -20.38 -7.16 -21.12
N GLU C 77 -19.38 -6.28 -21.12
CA GLU C 77 -18.96 -5.60 -22.34
C GLU C 77 -17.43 -5.44 -22.35
N SER C 78 -16.88 -5.19 -23.55
CA SER C 78 -15.43 -5.20 -23.77
C SER C 78 -14.62 -4.58 -22.62
N GLY C 79 -15.05 -3.42 -22.13
CA GLY C 79 -14.33 -2.74 -21.07
C GLY C 79 -14.25 -3.51 -19.77
N ASP C 80 -15.23 -4.39 -19.52
CA ASP C 80 -15.33 -5.08 -18.23
C ASP C 80 -14.26 -6.16 -18.04
N PHE C 81 -13.77 -6.70 -19.14
CA PHE C 81 -12.84 -7.82 -19.06
C PHE C 81 -11.47 -7.41 -18.51
N GLY C 82 -10.89 -8.29 -17.70
CA GLY C 82 -9.60 -8.06 -17.09
C GLY C 82 -9.45 -9.00 -15.89
N VAL C 83 -8.81 -8.51 -14.83
CA VAL C 83 -8.75 -9.30 -13.60
C VAL C 83 -9.20 -8.46 -12.41
N TYR C 84 -9.89 -9.12 -11.47
CA TYR C 84 -10.50 -8.43 -10.35
C TYR C 84 -9.91 -8.88 -9.02
N TYR C 85 -9.79 -7.95 -8.09
CA TYR C 85 -9.21 -8.24 -6.78
C TYR C 85 -10.15 -7.79 -5.66
N CYS C 86 -10.28 -8.63 -4.63
CA CYS C 86 -10.91 -8.19 -3.39
C CYS C 86 -9.83 -7.73 -2.42
N GLN C 87 -10.19 -6.80 -1.54
CA GLN C 87 -9.23 -6.23 -0.61
C GLN C 87 -9.86 -5.94 0.75
N GLN C 88 -9.10 -6.24 1.79
CA GLN C 88 -9.50 -5.91 3.15
C GLN C 88 -8.32 -5.29 3.86
N TYR C 89 -8.38 -3.98 4.08
CA TYR C 89 -7.23 -3.23 4.57
C TYR C 89 -6.05 -3.44 3.62
N GLU C 90 -4.96 -3.99 4.14
CA GLU C 90 -3.75 -4.18 3.35
C GLU C 90 -3.73 -5.49 2.57
N PHE C 91 -4.70 -6.36 2.84
CA PHE C 91 -4.71 -7.68 2.19
C PHE C 91 -5.55 -7.73 0.90
N PHE C 92 -5.04 -8.47 -0.09
CA PHE C 92 -5.76 -8.67 -1.35
C PHE C 92 -6.01 -10.16 -1.62
N GLY C 93 -7.00 -10.44 -2.47
CA GLY C 93 -7.25 -11.79 -2.93
C GLY C 93 -6.31 -12.14 -4.08
N GLN C 94 -6.34 -13.42 -4.47
CA GLN C 94 -5.43 -13.93 -5.51
C GLN C 94 -5.79 -13.43 -6.90
N GLY C 95 -6.97 -12.85 -7.02
CA GLY C 95 -7.43 -12.35 -8.31
C GLY C 95 -8.31 -13.32 -9.08
N THR C 96 -9.18 -12.78 -9.92
CA THR C 96 -9.98 -13.59 -10.83
C THR C 96 -9.89 -12.98 -12.21
N LYS C 97 -9.38 -13.75 -13.17
CA LYS C 97 -9.30 -13.24 -14.54
C LYS C 97 -10.62 -13.47 -15.28
N VAL C 98 -11.24 -12.39 -15.72
CA VAL C 98 -12.46 -12.48 -16.52
C VAL C 98 -12.14 -12.13 -17.97
N GLN C 99 -12.24 -13.12 -18.85
CA GLN C 99 -11.91 -12.94 -20.26
C GLN C 99 -13.08 -13.24 -21.18
N VAL C 100 -12.98 -12.75 -22.41
CA VAL C 100 -14.08 -12.84 -23.36
C VAL C 100 -13.99 -14.10 -24.20
N ASP C 101 -15.11 -14.81 -24.26
CA ASP C 101 -15.26 -15.93 -25.17
C ASP C 101 -16.60 -15.84 -25.86
N ILE C 102 -16.59 -15.30 -27.08
CA ILE C 102 -17.79 -15.22 -27.90
C ILE C 102 -18.12 -16.61 -28.41
N LYS C 103 -19.36 -17.04 -28.17
CA LYS C 103 -19.80 -18.38 -28.54
C LYS C 103 -19.89 -18.56 -30.06
N ARG C 104 -19.53 -19.76 -30.52
CA ARG C 104 -19.55 -20.08 -31.94
C ARG C 104 -19.61 -21.58 -32.14
N THR C 105 -19.77 -22.01 -33.39
CA THR C 105 -19.80 -23.43 -33.71
C THR C 105 -18.42 -24.05 -33.52
N VAL C 106 -18.40 -25.31 -33.12
CA VAL C 106 -17.14 -26.01 -32.88
C VAL C 106 -16.30 -26.11 -34.14
N ALA C 107 -15.02 -25.78 -34.03
CA ALA C 107 -14.08 -25.88 -35.15
C ALA C 107 -12.81 -26.63 -34.74
N ALA C 108 -12.51 -27.70 -35.45
CA ALA C 108 -11.31 -28.49 -35.17
C ALA C 108 -10.04 -27.77 -35.61
N PRO C 109 -8.94 -28.01 -34.90
CA PRO C 109 -7.66 -27.35 -35.22
C PRO C 109 -7.02 -27.91 -36.49
N SER C 110 -6.43 -27.04 -37.31
CA SER C 110 -5.50 -27.48 -38.34
C SER C 110 -4.12 -27.57 -37.69
N VAL C 111 -3.45 -28.71 -37.87
CA VAL C 111 -2.22 -28.98 -37.15
C VAL C 111 -1.03 -29.02 -38.08
N PHE C 112 0.02 -28.28 -37.71
CA PHE C 112 1.25 -28.26 -38.51
C PHE C 112 2.44 -28.45 -37.58
N ILE C 113 3.42 -29.22 -38.03
CA ILE C 113 4.66 -29.35 -37.30
C ILE C 113 5.81 -28.82 -38.13
N PHE C 114 6.74 -28.13 -37.47
CA PHE C 114 7.89 -27.55 -38.15
C PHE C 114 9.17 -28.09 -37.53
N PRO C 115 10.03 -28.70 -38.36
CA PRO C 115 11.35 -29.11 -37.87
C PRO C 115 12.21 -27.87 -37.71
N PRO C 116 13.29 -27.97 -36.93
CA PRO C 116 14.22 -26.83 -36.78
C PRO C 116 14.86 -26.47 -38.11
N SER C 117 15.06 -25.18 -38.34
CA SER C 117 15.73 -24.71 -39.55
C SER C 117 17.21 -25.08 -39.50
N ASP C 118 17.83 -25.17 -40.67
CA ASP C 118 19.25 -25.45 -40.74
C ASP C 118 20.04 -24.33 -40.08
N GLU C 119 19.56 -23.10 -40.22
CA GLU C 119 20.24 -21.95 -39.65
C GLU C 119 20.34 -22.07 -38.13
N GLN C 120 19.29 -22.57 -37.49
CA GLN C 120 19.30 -22.76 -36.04
C GLN C 120 20.21 -23.92 -35.62
N LEU C 121 20.14 -25.03 -36.35
CA LEU C 121 20.97 -26.19 -36.06
C LEU C 121 22.45 -25.83 -36.10
N LYS C 122 22.81 -24.92 -36.98
CA LYS C 122 24.19 -24.45 -37.09
C LYS C 122 24.62 -23.77 -35.79
N SER C 123 23.65 -23.24 -35.04
CA SER C 123 23.93 -22.56 -33.79
C SER C 123 24.03 -23.54 -32.62
N GLY C 124 23.75 -24.81 -32.89
CA GLY C 124 23.89 -25.85 -31.89
C GLY C 124 22.69 -26.02 -30.98
N THR C 125 21.53 -25.58 -31.46
CA THR C 125 20.29 -25.75 -30.72
C THR C 125 19.15 -26.11 -31.67
N ALA C 126 18.09 -26.69 -31.13
CA ALA C 126 16.98 -27.15 -31.98
C ALA C 126 15.62 -26.91 -31.34
N SER C 127 14.73 -26.25 -32.08
CA SER C 127 13.37 -26.03 -31.63
C SER C 127 12.39 -26.68 -32.60
N VAL C 128 11.55 -27.56 -32.08
CA VAL C 128 10.49 -28.17 -32.87
C VAL C 128 9.18 -27.47 -32.56
N VAL C 129 8.49 -26.98 -33.59
CA VAL C 129 7.29 -26.20 -33.36
C VAL C 129 6.02 -26.89 -33.88
N CYS C 130 4.99 -26.92 -33.05
CA CYS C 130 3.71 -27.49 -33.44
C CYS C 130 2.62 -26.44 -33.37
N LEU C 131 1.99 -26.17 -34.51
CA LEU C 131 0.93 -25.18 -34.57
C LEU C 131 -0.46 -25.82 -34.62
N LEU C 132 -1.36 -25.32 -33.79
CA LEU C 132 -2.76 -25.69 -33.81
C LEU C 132 -3.55 -24.45 -34.20
N ASN C 133 -4.07 -24.42 -35.43
CA ASN C 133 -4.64 -23.20 -35.97
C ASN C 133 -6.16 -23.12 -35.99
N ASN C 134 -6.69 -21.95 -35.63
CA ASN C 134 -8.11 -21.64 -35.77
C ASN C 134 -9.05 -22.73 -35.28
N PHE C 135 -9.22 -22.84 -33.97
CA PHE C 135 -10.07 -23.87 -33.39
C PHE C 135 -11.01 -23.31 -32.32
N TYR C 136 -12.06 -24.06 -32.02
CA TYR C 136 -13.00 -23.70 -30.96
C TYR C 136 -13.71 -24.95 -30.43
N PRO C 137 -13.95 -25.02 -29.12
CA PRO C 137 -13.61 -24.00 -28.11
C PRO C 137 -12.11 -23.93 -27.78
N ARG C 138 -11.77 -23.21 -26.72
CA ARG C 138 -10.37 -22.90 -26.42
C ARG C 138 -9.58 -24.08 -25.84
N GLU C 139 -10.24 -24.94 -25.10
CA GLU C 139 -9.57 -26.10 -24.51
C GLU C 139 -9.00 -27.01 -25.59
N ALA C 140 -7.76 -27.45 -25.39
CA ALA C 140 -7.09 -28.32 -26.34
C ALA C 140 -5.88 -28.96 -25.68
N LYS C 141 -5.46 -30.12 -26.19
CA LYS C 141 -4.32 -30.81 -25.61
C LYS C 141 -3.25 -31.11 -26.66
N VAL C 142 -2.00 -30.85 -26.29
CA VAL C 142 -0.86 -31.14 -27.14
C VAL C 142 -0.02 -32.24 -26.51
N GLN C 143 0.45 -33.17 -27.34
CA GLN C 143 1.15 -34.35 -26.85
C GLN C 143 2.42 -34.59 -27.67
N TRP C 144 3.57 -34.25 -27.10
CA TRP C 144 4.85 -34.45 -27.77
C TRP C 144 5.35 -35.89 -27.59
N LYS C 145 5.86 -36.47 -28.67
CA LYS C 145 6.45 -37.80 -28.62
C LYS C 145 7.73 -37.83 -29.45
N VAL C 146 8.81 -38.31 -28.84
CA VAL C 146 10.10 -38.41 -29.51
C VAL C 146 10.54 -39.87 -29.55
N ASP C 147 10.39 -40.50 -30.71
CA ASP C 147 10.55 -41.95 -30.83
C ASP C 147 9.60 -42.69 -29.89
N ASN C 148 8.35 -42.23 -29.88
CA ASN C 148 7.29 -42.86 -29.08
C ASN C 148 7.42 -42.62 -27.58
N ALA C 149 8.38 -41.80 -27.18
CA ALA C 149 8.51 -41.44 -25.77
C ALA C 149 7.75 -40.16 -25.46
N LEU C 150 6.84 -40.24 -24.50
CA LEU C 150 6.05 -39.07 -24.11
C LEU C 150 6.93 -38.01 -23.44
N GLN C 151 6.84 -36.78 -23.94
CA GLN C 151 7.63 -35.68 -23.42
C GLN C 151 6.84 -34.84 -22.43
N SER C 152 7.09 -35.05 -21.15
CA SER C 152 6.37 -34.31 -20.11
C SER C 152 7.24 -33.24 -19.47
N GLY C 153 6.94 -31.98 -19.78
CA GLY C 153 7.63 -30.85 -19.19
C GLY C 153 8.84 -30.38 -19.97
N ASN C 154 8.92 -30.76 -21.24
CA ASN C 154 10.04 -30.39 -22.09
C ASN C 154 9.67 -29.36 -23.15
N SER C 155 8.48 -28.79 -23.04
CA SER C 155 7.99 -27.86 -24.04
C SER C 155 7.28 -26.68 -23.39
N GLN C 156 7.04 -25.64 -24.19
CA GLN C 156 6.30 -24.47 -23.73
C GLN C 156 5.17 -24.12 -24.68
N GLU C 157 4.03 -23.74 -24.12
CA GLU C 157 2.86 -23.37 -24.92
C GLU C 157 2.56 -21.88 -24.85
N SER C 158 1.90 -21.39 -25.89
CA SER C 158 1.41 -20.02 -25.95
C SER C 158 0.15 -19.99 -26.80
N VAL C 159 -0.89 -19.32 -26.30
CA VAL C 159 -2.16 -19.24 -27.02
C VAL C 159 -2.59 -17.81 -27.29
N THR C 160 -3.09 -17.55 -28.50
CA THR C 160 -3.63 -16.24 -28.84
C THR C 160 -4.93 -15.98 -28.11
N GLU C 161 -5.33 -14.72 -28.01
CA GLU C 161 -6.66 -14.39 -27.53
C GLU C 161 -7.61 -14.75 -28.68
N GLN C 162 -8.89 -14.90 -28.37
CA GLN C 162 -9.88 -15.28 -29.37
C GLN C 162 -9.86 -14.33 -30.57
N ASP C 163 -9.74 -14.89 -31.77
CA ASP C 163 -9.65 -14.08 -32.97
C ASP C 163 -10.90 -13.23 -33.19
N SER C 164 -10.68 -11.96 -33.52
CA SER C 164 -11.77 -10.99 -33.67
C SER C 164 -12.63 -11.26 -34.89
N LYS C 165 -12.04 -11.86 -35.92
CA LYS C 165 -12.74 -12.10 -37.18
C LYS C 165 -13.59 -13.37 -37.16
N ASP C 166 -12.97 -14.50 -36.83
CA ASP C 166 -13.68 -15.77 -36.87
C ASP C 166 -13.96 -16.41 -35.50
N SER C 167 -13.54 -15.73 -34.43
CA SER C 167 -13.82 -16.19 -33.08
C SER C 167 -13.11 -17.51 -32.70
N THR C 168 -12.06 -17.86 -33.44
CA THR C 168 -11.30 -19.07 -33.14
C THR C 168 -10.07 -18.77 -32.29
N TYR C 169 -9.40 -19.84 -31.85
CA TYR C 169 -8.17 -19.71 -31.09
C TYR C 169 -7.04 -20.40 -31.83
N SER C 170 -5.81 -20.00 -31.55
CA SER C 170 -4.65 -20.68 -32.10
C SER C 170 -3.59 -20.89 -31.01
N LEU C 171 -2.92 -22.03 -31.06
CA LEU C 171 -1.97 -22.41 -30.03
C LEU C 171 -0.66 -22.84 -30.67
N SER C 172 0.44 -22.49 -30.02
CA SER C 172 1.76 -22.87 -30.51
C SER C 172 2.54 -23.58 -29.41
N SER C 173 3.10 -24.73 -29.73
CA SER C 173 3.87 -25.52 -28.77
C SER C 173 5.31 -25.72 -29.26
N THR C 174 6.27 -25.40 -28.40
CA THR C 174 7.67 -25.47 -28.77
C THR C 174 8.48 -26.41 -27.88
N LEU C 175 9.03 -27.45 -28.50
CA LEU C 175 9.90 -28.39 -27.83
C LEU C 175 11.33 -28.06 -28.19
N THR C 176 12.15 -27.72 -27.20
CA THR C 176 13.52 -27.31 -27.44
C THR C 176 14.51 -28.35 -26.93
N LEU C 177 15.56 -28.59 -27.70
CA LEU C 177 16.56 -29.60 -27.34
C LEU C 177 17.94 -29.20 -27.84
N SER C 178 18.97 -29.76 -27.21
CA SER C 178 20.33 -29.61 -27.70
C SER C 178 20.45 -30.23 -29.08
N LYS C 179 21.28 -29.65 -29.94
CA LYS C 179 21.50 -30.21 -31.26
C LYS C 179 21.91 -31.67 -31.13
N ALA C 180 22.72 -31.96 -30.12
CA ALA C 180 23.18 -33.31 -29.86
C ALA C 180 22.03 -34.23 -29.49
N ASP C 181 21.13 -33.74 -28.64
CA ASP C 181 19.95 -34.51 -28.25
C ASP C 181 19.03 -34.72 -29.44
N TYR C 182 18.85 -33.66 -30.22
CA TYR C 182 17.99 -33.71 -31.39
C TYR C 182 18.47 -34.76 -32.38
N GLU C 183 19.78 -34.92 -32.49
CA GLU C 183 20.35 -35.86 -33.44
C GLU C 183 20.47 -37.26 -32.87
N LYS C 184 20.02 -37.43 -31.63
CA LYS C 184 19.97 -38.75 -31.00
C LYS C 184 18.74 -39.52 -31.48
N HIS C 185 17.67 -38.80 -31.80
CA HIS C 185 16.39 -39.41 -32.12
C HIS C 185 15.92 -39.14 -33.55
N LYS C 186 14.86 -39.83 -33.95
CA LYS C 186 14.43 -39.83 -35.35
C LYS C 186 13.00 -39.34 -35.56
N VAL C 187 12.05 -39.97 -34.87
CA VAL C 187 10.64 -39.68 -35.07
C VAL C 187 10.09 -38.63 -34.08
N TYR C 188 9.78 -37.44 -34.58
CA TYR C 188 9.21 -36.38 -33.75
C TYR C 188 7.73 -36.18 -34.03
N ALA C 189 6.90 -36.50 -33.03
CA ALA C 189 5.45 -36.46 -33.22
C ALA C 189 4.75 -35.44 -32.33
N CYS C 190 3.71 -34.83 -32.88
CA CYS C 190 2.85 -33.91 -32.14
C CYS C 190 1.42 -34.42 -32.20
N GLU C 191 0.85 -34.76 -31.04
CA GLU C 191 -0.49 -35.33 -31.00
C GLU C 191 -1.51 -34.37 -30.38
N VAL C 192 -2.53 -34.04 -31.17
CA VAL C 192 -3.53 -33.05 -30.77
C VAL C 192 -4.90 -33.68 -30.51
N THR C 193 -5.47 -33.41 -29.35
CA THR C 193 -6.83 -33.84 -29.03
C THR C 193 -7.73 -32.61 -28.81
N HIS C 194 -8.95 -32.68 -29.33
CA HIS C 194 -9.88 -31.56 -29.23
C HIS C 194 -11.32 -32.03 -29.44
N GLN C 195 -12.27 -31.17 -29.09
CA GLN C 195 -13.69 -31.50 -29.18
C GLN C 195 -14.14 -31.73 -30.63
N GLY C 196 -13.47 -31.06 -31.56
CA GLY C 196 -13.81 -31.16 -32.97
C GLY C 196 -13.21 -32.37 -33.66
N LEU C 197 -12.29 -33.05 -32.98
CA LEU C 197 -11.64 -34.23 -33.54
C LEU C 197 -12.27 -35.52 -33.01
N SER C 198 -12.83 -36.32 -33.90
CA SER C 198 -13.41 -37.59 -33.50
C SER C 198 -12.33 -38.50 -32.90
N SER C 199 -11.08 -38.23 -33.27
CA SER C 199 -9.95 -38.94 -32.68
C SER C 199 -8.70 -38.07 -32.77
N PRO C 200 -7.76 -38.25 -31.83
CA PRO C 200 -6.54 -37.44 -31.75
C PRO C 200 -5.76 -37.43 -33.07
N VAL C 201 -5.20 -36.27 -33.41
CA VAL C 201 -4.46 -36.10 -34.66
C VAL C 201 -2.97 -35.99 -34.41
N THR C 202 -2.19 -36.83 -35.08
CA THR C 202 -0.75 -36.87 -34.90
C THR C 202 0.02 -36.39 -36.12
N LYS C 203 0.62 -35.20 -36.02
CA LYS C 203 1.53 -34.72 -37.06
C LYS C 203 2.96 -35.03 -36.64
N SER C 204 3.77 -35.52 -37.58
CA SER C 204 5.12 -35.96 -37.26
C SER C 204 6.09 -35.80 -38.43
N PHE C 205 7.34 -36.19 -38.21
CA PHE C 205 8.37 -36.15 -39.23
C PHE C 205 9.62 -36.88 -38.76
N ASN C 206 10.44 -37.33 -39.71
CA ASN C 206 11.71 -37.95 -39.40
C ASN C 206 12.87 -36.97 -39.58
N ARG C 207 13.75 -36.93 -38.59
CA ARG C 207 14.91 -36.04 -38.65
C ARG C 207 15.68 -36.22 -39.97
N GLY C 208 15.99 -35.10 -40.63
CA GLY C 208 16.80 -35.12 -41.83
C GLY C 208 16.14 -35.75 -43.03
N GLU C 209 14.88 -35.38 -43.29
CA GLU C 209 14.16 -35.87 -44.46
C GLU C 209 13.36 -34.78 -45.15
N CYS C 210 13.86 -34.33 -46.30
CA CYS C 210 13.20 -33.27 -47.06
C CYS C 210 11.78 -33.67 -47.46
C1 NAG D . 4.66 18.66 33.38
C2 NAG D . 5.52 19.74 32.63
C3 NAG D . 6.54 20.37 33.67
C4 NAG D . 5.79 20.84 34.95
C5 NAG D . 4.84 19.73 35.45
C6 NAG D . 3.96 20.25 36.62
C7 NAG D . 6.07 19.59 30.25
C8 NAG D . 6.86 18.85 29.21
N2 NAG D . 6.24 19.09 31.55
O3 NAG D . 7.13 21.46 33.03
O4 NAG D . 6.80 21.07 35.88
O5 NAG D . 3.99 19.35 34.43
O6 NAG D . 2.76 19.53 36.51
O7 NAG D . 5.34 20.53 30.00
C1 NAG D . 6.92 22.47 36.21
C2 NAG D . 7.52 22.64 37.66
C3 NAG D . 7.50 24.16 38.00
C4 NAG D . 8.29 24.91 36.90
C5 NAG D . 7.69 24.55 35.51
C6 NAG D . 8.48 25.20 34.37
C7 NAG D . 7.30 20.72 39.11
C8 NAG D . 6.43 19.99 40.10
N2 NAG D . 6.75 21.90 38.61
O3 NAG D . 8.14 24.31 39.23
O4 NAG D . 8.13 26.27 37.21
O5 NAG D . 7.79 23.18 35.33
O6 NAG D . 9.61 24.40 34.22
O7 NAG D . 8.40 20.32 38.76
C1 BMA D . 9.43 26.84 37.46
C2 BMA D . 9.61 28.08 36.67
C3 BMA D . 11.03 28.44 36.68
C4 BMA D . 11.47 28.67 37.98
C5 BMA D . 11.11 27.54 38.92
C6 BMA D . 11.39 27.88 40.36
O2 BMA D . 8.81 29.09 37.28
O3 BMA D . 11.23 29.58 35.86
O4 BMA D . 12.89 28.72 37.89
O5 BMA D . 9.73 27.07 38.78
O6 BMA D . 11.39 26.84 41.27
C1 MAN D . 11.21 30.83 36.58
C2 MAN D . 9.91 31.59 36.34
C3 MAN D . 9.73 31.84 34.85
C4 MAN D . 10.96 32.56 34.32
C5 MAN D . 12.23 31.83 34.72
C6 MAN D . 13.48 32.58 34.26
O2 MAN D . 9.96 32.83 37.01
O3 MAN D . 8.57 32.62 34.63
O4 MAN D . 10.90 32.66 32.91
O5 MAN D . 12.27 31.66 36.13
O6 MAN D . 13.36 32.86 32.89
CAC FLC E . -10.45 14.12 -2.38
CA FLC E . -11.78 14.37 -3.01
CB FLC E . -12.35 13.31 -3.87
CBC FLC E . -11.31 12.88 -4.86
CG FLC E . -13.57 13.83 -4.58
CGC FLC E . -14.00 13.20 -5.86
OA1 FLC E . -10.37 13.45 -1.32
OA2 FLC E . -9.40 14.55 -2.93
OB1 FLC E . -10.99 11.67 -4.94
OB2 FLC E . -10.76 13.74 -5.61
OG1 FLC E . -14.16 11.95 -5.94
OG2 FLC E . -14.21 13.92 -6.87
OHB FLC E . -12.69 12.22 -3.10
C1 NAG F . 18.90 5.45 19.93
C2 NAG F . 19.16 5.67 18.35
C3 NAG F . 19.76 4.38 17.66
C4 NAG F . 20.76 3.63 18.58
C5 NAG F . 20.08 3.45 19.94
C6 NAG F . 20.91 2.58 20.92
C7 NAG F . 17.69 7.21 17.12
C8 NAG F . 16.33 7.38 16.49
N2 NAG F . 17.88 5.96 17.71
O3 NAG F . 20.41 4.86 16.52
O4 NAG F . 21.03 2.41 17.99
O5 NAG F . 19.98 4.70 20.48
O6 NAG F . 21.85 3.46 21.48
O7 NAG F . 18.55 8.09 17.13
C1 NAG G . 15.98 14.75 38.54
C2 NAG G . 15.65 14.48 40.05
C3 NAG G . 16.77 15.15 40.92
C4 NAG G . 18.16 14.67 40.43
C5 NAG G . 18.26 14.90 38.89
C6 NAG G . 19.58 14.42 38.27
C7 NAG G . 13.41 14.25 41.00
C8 NAG G . 12.09 14.93 41.26
N2 NAG G . 14.35 15.06 40.34
O3 NAG G . 16.56 14.72 42.24
O4 NAG G . 19.09 15.44 41.13
O5 NAG G . 17.26 14.18 38.29
O6 NAG G . 19.57 13.03 38.43
O7 NAG G . 13.67 13.10 41.33
C1 NAG H . -3.59 -0.54 36.56
C2 NAG H . -3.79 -0.90 38.08
C3 NAG H . -3.35 -2.38 38.28
C4 NAG H . -4.23 -3.25 37.36
C5 NAG H . -4.03 -2.75 35.90
C6 NAG H . -4.87 -3.57 34.91
C7 NAG H . -3.60 0.78 39.82
C8 NAG H . -2.68 1.67 40.61
N2 NAG H . -2.96 -0.01 38.88
O3 NAG H . -3.60 -2.70 39.61
O4 NAG H . -3.77 -4.55 37.52
O5 NAG H . -4.44 -1.44 35.83
O6 NAG H . -4.48 -3.14 33.64
O7 NAG H . -4.82 0.73 39.99
CL CL I . -7.52 4.11 7.92
C1 NAG J . -14.30 -0.63 23.40
C2 NAG J . -13.81 -1.74 22.40
C3 NAG J . -15.04 -2.15 21.53
C4 NAG J . -16.37 -1.85 22.31
C5 NAG J . -16.17 -2.00 23.88
C6 NAG J . -15.96 -3.49 24.28
C7 NAG J . -11.45 -1.37 21.98
C8 NAG J . -10.42 -0.77 21.06
N2 NAG J . -12.76 -1.19 21.56
O3 NAG J . -14.93 -3.51 21.30
O4 NAG J . -16.78 -0.56 21.95
O5 NAG J . -15.09 -1.30 24.38
O6 NAG J . -16.33 -3.57 25.63
O7 NAG J . -11.18 -1.97 23.01
C1 NAG K . -36.01 5.98 34.63
C2 NAG K . -36.07 4.49 35.16
C3 NAG K . -36.94 4.45 36.46
C4 NAG K . -36.41 5.51 37.46
C5 NAG K . -36.37 6.88 36.74
C6 NAG K . -35.88 8.03 37.64
C7 NAG K . -35.96 2.53 33.72
C8 NAG K . -36.65 1.72 32.67
N2 NAG K . -36.66 3.66 34.14
O3 NAG K . -36.78 3.18 37.01
O4 NAG K . -37.31 5.51 38.53
O5 NAG K . -35.49 6.78 35.70
O6 NAG K . -35.15 7.42 38.68
O7 NAG K . -34.86 2.25 34.19
C1 NAG L . -22.63 -15.08 -4.29
C2 NAG L . -23.56 -14.96 -5.53
C3 NAG L . -24.42 -16.26 -5.61
C4 NAG L . -23.46 -17.49 -5.63
C5 NAG L . -22.46 -17.39 -4.45
C6 NAG L . -21.40 -18.50 -4.49
C7 NAG L . -24.47 -12.87 -6.39
C8 NAG L . -25.35 -11.68 -6.12
N2 NAG L . -24.40 -13.79 -5.34
O3 NAG L . -25.13 -16.20 -6.80
O4 NAG L . -24.29 -18.60 -5.49
O5 NAG L . -21.78 -16.20 -4.54
O6 NAG L . -21.71 -19.27 -5.62
O7 NAG L . -23.85 -13.02 -7.43
#